data_8HRE
#
_entry.id   8HRE
#
_entity_poly.entity_id   1
_entity_poly.type   'polypeptide(L)'
_entity_poly.pdbx_seq_one_letter_code
;MISNNAPAKMVLNSIMTGYTLAYVQHSIYTDYDVIGRSFWLKVEESIDRRDYTGVDTFFVMINNLTPSTSYEIQGAFYDS
IIDSELLEAKIGINLSNETNFRTKEKPIIVAARSESEPVDVGVGAPIVVVETTGEASYCTIELKSTASEDSEWVKYYIGA
LGPTIKFGGVPVGDYKIRISGQVTMPDGVTVDSSGYYEYPSVFTVAYNFVPPTAPTNIAFKAARIADGKERYDARIEWDW
ERGAGANVREFLVTYINSEEYARTGWAKAQKINVGAARAATIISFPWKVEHTFKVSSIAWGPNRQDITESAPATFILNED
TPLDNSFVNETGIDVNYAFIKGSMKEGEIWKQTFLIDAATGAINIGLLDEEGKAPISFDPINRVVNVDGKVITRDINAAN
FIMTNLSGEDNPAIYTQGKSWGDNNSGIWMGMDNTSAKAKLDIGNATQWIRYDGDVLRISSGVVIGTPNGDVDLGTGMQG
KQTVFVYKLATSLPAKPLEQDYPPPGWSKTPPNRTDMTQNIYATTGTLDPVTNRLLEGTSWSDVVQWSGTEGTIGHDGQR
GPGMYSVGIAGLGGWDDGQANSFFTSNFSSAPVKYDVLTEYKSDAPGTAFTRQWNGSGWVNPAMVLHGNMIVNGTITADK
IVAGNAFLSQIGVNTIYDRAAALSGNPEAQYKMKIDLVNGYIHIR
;
_entity_poly.pdbx_strand_id   A
#
# COMPACT_ATOMS: atom_id res chain seq x y z
N MET A 1 -128.08 -75.76 65.44
CA MET A 1 -126.84 -75.28 66.02
C MET A 1 -126.65 -73.79 65.75
N ILE A 2 -125.73 -73.17 66.50
CA ILE A 2 -125.42 -71.76 66.27
C ILE A 2 -124.89 -71.61 64.86
N SER A 3 -125.42 -70.62 64.13
CA SER A 3 -125.05 -70.45 62.74
C SER A 3 -123.65 -69.84 62.62
N ASN A 4 -122.66 -70.52 63.19
CA ASN A 4 -121.26 -70.11 63.05
C ASN A 4 -120.63 -70.93 61.94
N ASN A 5 -120.93 -70.53 60.71
CA ASN A 5 -120.30 -71.16 59.56
C ASN A 5 -118.87 -70.66 59.44
N ALA A 6 -118.07 -71.39 58.67
CA ALA A 6 -116.70 -70.96 58.42
C ALA A 6 -116.70 -69.65 57.65
N PRO A 7 -115.77 -68.75 57.93
CA PRO A 7 -115.72 -67.49 57.16
C PRO A 7 -115.47 -67.75 55.69
N ALA A 8 -116.02 -66.87 54.85
CA ALA A 8 -115.88 -67.02 53.41
C ALA A 8 -114.41 -66.97 53.01
N LYS A 9 -114.07 -67.72 51.96
CA LYS A 9 -112.69 -67.77 51.50
C LYS A 9 -112.17 -66.38 51.17
N MET A 10 -111.19 -65.92 51.94
CA MET A 10 -110.59 -64.61 51.77
C MET A 10 -109.51 -64.73 50.69
N VAL A 11 -109.49 -63.76 49.78
CA VAL A 11 -108.55 -63.74 48.67
C VAL A 11 -107.70 -62.49 48.79
N LEU A 12 -106.39 -62.66 48.70
CA LEU A 12 -105.46 -61.55 48.75
C LEU A 12 -105.65 -60.67 47.53
N ASN A 13 -106.06 -59.42 47.76
CA ASN A 13 -106.30 -58.50 46.65
C ASN A 13 -105.01 -58.15 45.94
N SER A 14 -104.07 -57.55 46.65
CA SER A 14 -102.78 -57.18 46.07
C SER A 14 -101.75 -57.11 47.19
N ILE A 15 -100.49 -57.25 46.81
CA ILE A 15 -99.38 -57.19 47.77
C ILE A 15 -98.26 -56.37 47.16
N MET A 16 -97.63 -55.55 47.99
CA MET A 16 -96.44 -54.80 47.61
C MET A 16 -95.31 -55.21 48.54
N THR A 17 -94.11 -55.39 47.99
CA THR A 17 -92.95 -55.84 48.73
C THR A 17 -91.91 -54.74 48.76
N GLY A 18 -91.31 -54.52 49.92
CA GLY A 18 -90.22 -53.57 50.05
C GLY A 18 -88.94 -54.23 50.51
N TYR A 19 -88.17 -53.54 51.35
CA TYR A 19 -86.98 -54.13 51.94
C TYR A 19 -87.35 -54.98 53.16
N THR A 20 -87.94 -54.35 54.17
CA THR A 20 -88.43 -55.04 55.36
C THR A 20 -89.92 -54.84 55.59
N LEU A 21 -90.50 -53.75 55.13
CA LEU A 21 -91.93 -53.51 55.21
C LEU A 21 -92.58 -53.91 53.90
N ALA A 22 -93.84 -54.33 53.99
CA ALA A 22 -94.56 -54.78 52.82
C ALA A 22 -96.03 -54.39 52.94
N TYR A 23 -96.66 -54.10 51.81
CA TYR A 23 -98.09 -53.83 51.77
C TYR A 23 -98.83 -55.09 51.34
N VAL A 24 -99.88 -55.44 52.09
CA VAL A 24 -100.70 -56.61 51.79
C VAL A 24 -102.15 -56.15 51.84
N GLN A 25 -102.89 -56.42 50.76
CA GLN A 25 -104.30 -56.07 50.69
C GLN A 25 -105.14 -57.34 50.74
N HIS A 26 -106.22 -57.30 51.52
CA HIS A 26 -107.09 -58.45 51.71
C HIS A 26 -108.52 -58.08 51.38
N SER A 27 -109.33 -59.09 51.08
CA SER A 27 -110.71 -58.86 50.68
C SER A 27 -111.58 -58.51 51.89
N ILE A 28 -112.87 -58.35 51.63
CA ILE A 28 -113.83 -57.92 52.64
C ILE A 28 -114.28 -59.10 53.47
N TYR A 29 -114.99 -58.84 54.56
CA TYR A 29 -115.56 -59.86 55.42
C TYR A 29 -117.05 -59.59 55.62
N THR A 30 -117.81 -60.67 55.85
CA THR A 30 -119.26 -60.57 55.98
C THR A 30 -119.81 -61.19 57.26
N ASP A 31 -119.19 -62.22 57.82
CA ASP A 31 -119.71 -62.83 59.03
C ASP A 31 -119.65 -61.87 60.20
N TYR A 32 -120.73 -61.84 60.99
CA TYR A 32 -120.81 -60.95 62.14
C TYR A 32 -119.96 -61.41 63.32
N ASP A 33 -119.73 -62.72 63.45
CA ASP A 33 -119.01 -63.28 64.57
C ASP A 33 -117.50 -63.25 64.39
N VAL A 34 -117.00 -62.95 63.19
CA VAL A 34 -115.57 -62.88 62.98
C VAL A 34 -115.03 -61.61 63.63
N ILE A 35 -114.02 -61.77 64.48
CA ILE A 35 -113.50 -60.65 65.25
C ILE A 35 -112.02 -60.38 64.99
N GLY A 36 -111.27 -61.30 64.40
CA GLY A 36 -109.85 -61.08 64.22
C GLY A 36 -109.35 -61.65 62.91
N ARG A 37 -108.16 -61.19 62.52
CA ARG A 37 -107.51 -61.60 61.30
C ARG A 37 -106.17 -62.24 61.62
N SER A 38 -105.89 -63.36 60.95
CA SER A 38 -104.65 -64.09 61.15
C SER A 38 -103.96 -64.29 59.81
N PHE A 39 -102.63 -64.34 59.84
CA PHE A 39 -101.85 -64.50 58.63
C PHE A 39 -100.71 -65.46 58.89
N TRP A 40 -100.33 -66.21 57.85
CA TRP A 40 -99.26 -67.19 57.93
C TRP A 40 -98.26 -66.92 56.81
N LEU A 41 -97.08 -66.46 57.18
CA LEU A 41 -96.00 -66.21 56.24
C LEU A 41 -95.00 -67.35 56.35
N LYS A 42 -94.83 -68.10 55.27
CA LYS A 42 -93.93 -69.24 55.25
C LYS A 42 -92.68 -68.86 54.47
N VAL A 43 -91.57 -68.72 55.18
CA VAL A 43 -90.24 -68.63 54.57
C VAL A 43 -89.56 -69.97 54.76
N GLU A 44 -88.73 -70.36 53.79
CA GLU A 44 -88.17 -71.71 53.69
C GLU A 44 -89.21 -72.75 54.09
N GLU A 45 -89.06 -73.37 55.26
CA GLU A 45 -90.02 -74.35 55.75
C GLU A 45 -90.90 -73.81 56.88
N SER A 46 -90.34 -73.03 57.79
CA SER A 46 -91.10 -72.52 58.92
C SER A 46 -92.14 -71.49 58.46
N ILE A 47 -93.24 -71.43 59.18
CA ILE A 47 -94.33 -70.49 58.89
C ILE A 47 -94.54 -69.61 60.12
N ASP A 48 -94.57 -68.30 59.90
CA ASP A 48 -94.82 -67.35 60.97
C ASP A 48 -96.30 -66.97 60.97
N ARG A 49 -96.92 -67.05 62.14
CA ARG A 49 -98.33 -66.71 62.31
C ARG A 49 -98.42 -65.29 62.85
N ARG A 50 -98.94 -64.38 62.04
CA ARG A 50 -99.17 -63.01 62.44
C ARG A 50 -100.67 -62.76 62.50
N ASP A 51 -101.15 -62.35 63.67
CA ASP A 51 -102.57 -62.18 63.93
C ASP A 51 -102.87 -60.74 64.32
N TYR A 52 -103.98 -60.22 63.79
CA TYR A 52 -104.37 -58.85 64.06
C TYR A 52 -105.87 -58.77 64.26
N THR A 53 -106.28 -58.20 65.39
CA THR A 53 -107.70 -58.09 65.70
C THR A 53 -108.43 -57.10 64.79
N GLY A 54 -107.75 -56.03 64.38
CA GLY A 54 -108.37 -55.02 63.55
C GLY A 54 -108.87 -55.57 62.22
N VAL A 55 -110.14 -55.29 61.91
CA VAL A 55 -110.77 -55.77 60.69
C VAL A 55 -111.31 -54.61 59.84
N ASP A 56 -111.29 -53.39 60.36
CA ASP A 56 -111.82 -52.23 59.67
C ASP A 56 -110.98 -51.80 58.47
N THR A 57 -109.75 -52.29 58.36
CA THR A 57 -108.85 -51.94 57.27
C THR A 57 -108.71 -53.11 56.31
N PHE A 58 -108.78 -52.80 55.02
CA PHE A 58 -108.70 -53.81 53.98
C PHE A 58 -107.27 -54.19 53.65
N PHE A 59 -106.31 -53.81 54.48
CA PHE A 59 -104.90 -54.06 54.24
C PHE A 59 -104.22 -54.25 55.58
N VAL A 60 -103.08 -54.93 55.57
CA VAL A 60 -102.31 -55.18 56.77
C VAL A 60 -100.87 -54.82 56.49
N MET A 61 -100.12 -54.47 57.54
CA MET A 61 -98.71 -54.11 57.43
C MET A 61 -97.85 -55.24 57.98
N ILE A 62 -96.85 -55.64 57.20
CA ILE A 62 -95.94 -56.71 57.57
C ILE A 62 -94.53 -56.14 57.63
N ASN A 63 -93.85 -56.38 58.75
CA ASN A 63 -92.48 -55.93 58.97
C ASN A 63 -91.58 -57.14 59.19
N ASN A 64 -90.36 -56.86 59.63
CA ASN A 64 -89.39 -57.88 60.01
C ASN A 64 -89.10 -58.84 58.87
N LEU A 65 -89.01 -58.31 57.65
CA LEU A 65 -88.75 -59.13 56.48
C LEU A 65 -87.33 -58.91 55.98
N THR A 66 -86.65 -60.00 55.67
CA THR A 66 -85.28 -59.91 55.17
C THR A 66 -85.31 -59.41 53.72
N PRO A 67 -84.59 -58.35 53.40
CA PRO A 67 -84.55 -57.88 52.00
C PRO A 67 -83.91 -58.92 51.10
N SER A 68 -84.32 -58.91 49.83
CA SER A 68 -83.81 -59.83 48.82
C SER A 68 -84.11 -61.28 49.20
N THR A 69 -85.31 -61.51 49.71
CA THR A 69 -85.72 -62.84 50.14
C THR A 69 -87.14 -63.11 49.67
N SER A 70 -87.38 -64.35 49.26
CA SER A 70 -88.70 -64.78 48.82
C SER A 70 -89.49 -65.34 49.99
N TYR A 71 -90.81 -65.13 49.95
CA TYR A 71 -91.68 -65.58 51.02
C TYR A 71 -92.98 -66.14 50.44
N GLU A 72 -93.61 -67.01 51.21
CA GLU A 72 -94.94 -67.51 50.92
C GLU A 72 -95.87 -67.11 52.06
N ILE A 73 -97.04 -66.59 51.71
CA ILE A 73 -97.95 -65.99 52.70
C ILE A 73 -99.32 -66.65 52.58
N GLN A 74 -99.95 -66.86 53.73
CA GLN A 74 -101.35 -67.23 53.82
C GLN A 74 -102.01 -66.41 54.91
N GLY A 75 -103.33 -66.23 54.79
CA GLY A 75 -104.09 -65.48 55.76
C GLY A 75 -105.47 -66.07 55.94
N ALA A 76 -106.07 -65.78 57.09
CA ALA A 76 -107.39 -66.28 57.41
C ALA A 76 -108.02 -65.38 58.48
N PHE A 77 -109.34 -65.44 58.57
CA PHE A 77 -110.10 -64.66 59.54
C PHE A 77 -110.75 -65.59 60.55
N TYR A 78 -110.58 -65.28 61.83
CA TYR A 78 -111.08 -66.13 62.89
C TYR A 78 -112.14 -65.37 63.68
N ASP A 79 -113.12 -66.13 64.18
CA ASP A 79 -114.21 -65.58 64.96
C ASP A 79 -113.85 -65.62 66.45
N SER A 80 -114.85 -65.38 67.31
CA SER A 80 -114.63 -65.45 68.75
C SER A 80 -114.56 -66.89 69.23
N ILE A 81 -115.35 -67.78 68.63
CA ILE A 81 -115.45 -69.15 69.13
C ILE A 81 -114.15 -69.91 68.86
N ILE A 82 -113.58 -69.75 67.67
CA ILE A 82 -112.35 -70.45 67.33
C ILE A 82 -111.21 -69.87 68.16
N ASP A 83 -110.45 -70.73 68.82
CA ASP A 83 -109.35 -70.30 69.67
C ASP A 83 -108.04 -70.31 68.89
N SER A 84 -106.95 -69.97 69.59
CA SER A 84 -105.63 -69.98 68.96
C SER A 84 -105.16 -71.39 68.68
N GLU A 85 -105.56 -72.35 69.53
CA GLU A 85 -105.14 -73.73 69.34
C GLU A 85 -105.60 -74.25 67.98
N LEU A 86 -106.86 -73.99 67.63
CA LEU A 86 -107.32 -74.34 66.29
C LEU A 86 -106.62 -73.51 65.22
N LEU A 87 -106.15 -72.31 65.57
CA LEU A 87 -105.40 -71.51 64.61
C LEU A 87 -104.10 -72.19 64.23
N GLU A 88 -103.36 -72.70 65.23
CA GLU A 88 -102.18 -73.49 64.90
C GLU A 88 -102.59 -74.78 64.19
N ALA A 89 -103.68 -75.40 64.64
CA ALA A 89 -104.19 -76.59 63.95
C ALA A 89 -104.74 -76.25 62.58
N LYS A 90 -105.08 -74.97 62.33
CA LYS A 90 -105.65 -74.54 61.05
C LYS A 90 -106.89 -75.35 60.69
N ILE A 91 -107.73 -75.57 61.68
CA ILE A 91 -108.92 -76.41 61.53
C ILE A 91 -110.16 -75.53 61.59
N GLY A 92 -111.07 -75.72 60.63
CA GLY A 92 -112.30 -74.98 60.61
C GLY A 92 -112.19 -73.59 60.04
N ILE A 93 -111.21 -73.33 59.18
CA ILE A 93 -111.00 -72.03 58.58
C ILE A 93 -110.82 -72.19 57.09
N ASN A 94 -111.12 -71.12 56.36
CA ASN A 94 -110.96 -71.07 54.91
C ASN A 94 -109.63 -70.37 54.63
N LEU A 95 -108.57 -71.15 54.51
CA LEU A 95 -107.25 -70.59 54.27
C LEU A 95 -107.18 -69.94 52.90
N SER A 96 -106.56 -68.77 52.84
CA SER A 96 -106.33 -68.11 51.57
C SER A 96 -105.33 -68.89 50.73
N ASN A 97 -105.40 -68.71 49.41
CA ASN A 97 -104.46 -69.36 48.53
C ASN A 97 -103.05 -68.86 48.80
N GLU A 98 -102.10 -69.79 48.82
CA GLU A 98 -100.71 -69.43 49.09
C GLU A 98 -100.17 -68.55 47.97
N THR A 99 -99.49 -67.47 48.35
CA THR A 99 -98.93 -66.52 47.40
C THR A 99 -97.44 -66.37 47.65
N ASN A 100 -96.68 -66.35 46.56
CA ASN A 100 -95.23 -66.23 46.61
C ASN A 100 -94.80 -64.88 46.06
N PHE A 101 -93.79 -64.29 46.68
CA PHE A 101 -93.28 -62.98 46.30
C PHE A 101 -91.82 -62.91 46.71
N ARG A 102 -91.26 -61.70 46.61
CA ARG A 102 -89.88 -61.47 47.01
C ARG A 102 -89.70 -60.02 47.41
N THR A 103 -88.90 -59.81 48.45
CA THR A 103 -88.60 -58.48 48.94
C THR A 103 -87.68 -57.74 47.98
N LYS A 104 -87.70 -56.42 48.08
CA LYS A 104 -86.86 -55.59 47.23
C LYS A 104 -85.39 -55.73 47.58
N GLU A 105 -84.54 -55.48 46.59
CA GLU A 105 -83.10 -55.54 46.77
C GLU A 105 -82.56 -54.18 47.16
N LYS A 106 -81.69 -54.17 48.17
CA LYS A 106 -81.08 -52.92 48.60
C LYS A 106 -80.14 -52.42 47.51
N PRO A 107 -80.29 -51.18 47.04
CA PRO A 107 -79.36 -50.65 46.02
C PRO A 107 -77.96 -50.50 46.61
N ILE A 108 -76.99 -51.13 45.95
CA ILE A 108 -75.59 -51.07 46.38
C ILE A 108 -74.75 -50.65 45.19
N ILE A 109 -73.58 -50.10 45.51
CA ILE A 109 -72.64 -49.61 44.49
C ILE A 109 -71.78 -50.78 44.05
N VAL A 110 -71.98 -51.22 42.80
CA VAL A 110 -71.18 -52.32 42.27
C VAL A 110 -69.85 -51.81 41.73
N ALA A 111 -69.89 -50.92 40.74
CA ALA A 111 -68.68 -50.34 40.18
C ALA A 111 -68.92 -48.85 39.98
N ALA A 112 -67.85 -48.07 40.14
CA ALA A 112 -67.94 -46.63 40.02
C ALA A 112 -66.63 -46.08 39.48
N ARG A 113 -66.75 -45.09 38.60
CA ARG A 113 -65.59 -44.43 38.02
C ARG A 113 -66.03 -43.08 37.48
N SER A 114 -65.05 -42.21 37.25
CA SER A 114 -65.29 -40.89 36.68
C SER A 114 -64.43 -40.73 35.45
N GLU A 115 -65.03 -40.28 34.36
CA GLU A 115 -64.34 -40.09 33.10
C GLU A 115 -64.61 -38.69 32.57
N SER A 116 -63.57 -38.06 32.04
CA SER A 116 -63.67 -36.75 31.44
C SER A 116 -63.47 -36.89 29.93
N GLU A 117 -64.41 -36.36 29.17
CA GLU A 117 -64.29 -36.42 27.72
C GLU A 117 -63.12 -35.56 27.27
N PRO A 118 -62.24 -36.07 26.41
CA PRO A 118 -61.12 -35.27 25.91
C PRO A 118 -61.59 -34.35 24.79
N VAL A 119 -61.71 -33.06 25.10
CA VAL A 119 -62.05 -32.05 24.10
C VAL A 119 -60.76 -31.57 23.46
N ASP A 120 -60.88 -31.06 22.24
CA ASP A 120 -59.71 -30.55 21.53
C ASP A 120 -59.05 -29.39 22.26
N VAL A 121 -59.83 -28.45 22.77
CA VAL A 121 -59.30 -27.29 23.48
C VAL A 121 -59.47 -27.58 24.97
N GLY A 122 -58.45 -28.17 25.56
CA GLY A 122 -58.46 -28.46 26.98
C GLY A 122 -58.98 -29.85 27.31
N VAL A 123 -59.57 -29.98 28.51
CA VAL A 123 -60.16 -31.23 28.97
C VAL A 123 -61.59 -30.96 29.39
N GLY A 124 -62.51 -31.82 28.94
CA GLY A 124 -63.90 -31.65 29.29
C GLY A 124 -64.17 -31.96 30.75
N ALA A 125 -65.35 -31.55 31.20
CA ALA A 125 -65.72 -31.76 32.59
C ALA A 125 -65.90 -33.25 32.88
N PRO A 126 -65.26 -33.77 33.92
CA PRO A 126 -65.39 -35.20 34.23
C PRO A 126 -66.80 -35.56 34.65
N ILE A 127 -67.19 -36.78 34.30
CA ILE A 127 -68.51 -37.32 34.64
C ILE A 127 -68.30 -38.66 35.34
N VAL A 128 -68.90 -38.81 36.50
CA VAL A 128 -68.78 -40.03 37.29
C VAL A 128 -69.78 -41.05 36.75
N VAL A 129 -69.28 -42.23 36.38
CA VAL A 129 -70.11 -43.32 35.88
C VAL A 129 -70.12 -44.41 36.94
N VAL A 130 -71.32 -44.73 37.43
CA VAL A 130 -71.49 -45.66 38.54
C VAL A 130 -72.39 -46.80 38.10
N GLU A 131 -71.96 -48.02 38.40
CA GLU A 131 -72.76 -49.22 38.17
C GLU A 131 -73.34 -49.69 39.49
N THR A 132 -74.67 -49.82 39.55
CA THR A 132 -75.36 -50.15 40.78
C THR A 132 -76.43 -51.19 40.50
N THR A 133 -76.74 -51.99 41.54
CA THR A 133 -77.80 -52.98 41.48
C THR A 133 -78.62 -52.89 42.75
N GLY A 134 -79.93 -53.12 42.61
CA GLY A 134 -80.86 -53.09 43.71
C GLY A 134 -82.20 -52.57 43.26
N GLU A 135 -83.10 -52.40 44.23
CA GLU A 135 -84.45 -51.91 43.98
C GLU A 135 -84.71 -50.69 44.85
N ALA A 136 -85.21 -49.62 44.24
CA ALA A 136 -85.53 -48.40 44.96
C ALA A 136 -86.36 -47.50 44.08
N SER A 137 -87.36 -46.85 44.67
CA SER A 137 -88.16 -45.89 43.91
C SER A 137 -87.31 -44.73 43.42
N TYR A 138 -86.45 -44.20 44.29
CA TYR A 138 -85.49 -43.18 43.90
C TYR A 138 -84.29 -43.31 44.83
N CYS A 139 -83.14 -42.84 44.35
CA CYS A 139 -81.88 -43.00 45.07
C CYS A 139 -81.23 -41.64 45.28
N THR A 140 -80.61 -41.48 46.45
CA THR A 140 -79.84 -40.30 46.78
C THR A 140 -78.39 -40.71 46.98
N ILE A 141 -77.48 -40.06 46.25
CA ILE A 141 -76.06 -40.38 46.28
C ILE A 141 -75.32 -39.18 46.81
N GLU A 142 -74.52 -39.38 47.85
CA GLU A 142 -73.71 -38.33 48.44
C GLU A 142 -72.26 -38.76 48.48
N LEU A 143 -71.36 -37.78 48.39
CA LEU A 143 -69.93 -38.03 48.40
C LEU A 143 -69.27 -37.19 49.49
N LYS A 144 -68.32 -37.81 50.19
CA LYS A 144 -67.54 -37.15 51.23
C LYS A 144 -66.08 -37.18 50.83
N SER A 145 -65.43 -36.03 50.87
CA SER A 145 -64.03 -35.94 50.50
C SER A 145 -63.16 -36.67 51.51
N THR A 146 -62.18 -37.43 51.01
CA THR A 146 -61.25 -38.14 51.88
C THR A 146 -60.03 -37.30 52.25
N ALA A 147 -59.85 -36.13 51.62
CA ALA A 147 -58.73 -35.28 51.98
C ALA A 147 -58.85 -34.79 53.41
N SER A 148 -60.05 -34.41 53.83
CA SER A 148 -60.32 -33.97 55.19
C SER A 148 -61.37 -34.87 55.81
N GLU A 149 -61.09 -35.37 57.02
CA GLU A 149 -62.05 -36.21 57.72
C GLU A 149 -63.31 -35.45 58.11
N ASP A 150 -63.25 -34.12 58.13
CA ASP A 150 -64.41 -33.30 58.46
C ASP A 150 -65.32 -33.06 57.26
N SER A 151 -64.95 -33.57 56.09
CA SER A 151 -65.79 -33.40 54.91
C SER A 151 -67.13 -34.08 55.11
N GLU A 152 -68.17 -33.48 54.55
CA GLU A 152 -69.52 -34.00 54.65
C GLU A 152 -69.90 -34.76 53.39
N TRP A 153 -70.92 -35.59 53.51
CA TRP A 153 -71.44 -36.35 52.39
C TRP A 153 -72.24 -35.40 51.51
N VAL A 154 -71.54 -34.67 50.65
CA VAL A 154 -72.17 -33.65 49.81
C VAL A 154 -73.06 -34.33 48.77
N LYS A 155 -74.29 -33.83 48.64
CA LYS A 155 -75.21 -34.34 47.65
C LYS A 155 -74.67 -34.09 46.24
N TYR A 156 -74.77 -35.10 45.37
CA TYR A 156 -74.32 -34.98 44.00
C TYR A 156 -75.33 -35.46 42.97
N TYR A 157 -76.20 -36.39 43.33
CA TYR A 157 -77.27 -36.82 42.44
C TYR A 157 -78.42 -37.39 43.27
N ILE A 158 -79.61 -36.86 43.05
CA ILE A 158 -80.82 -37.38 43.65
C ILE A 158 -81.82 -37.63 42.53
N GLY A 159 -82.34 -38.84 42.46
CA GLY A 159 -83.27 -39.19 41.41
C GLY A 159 -83.53 -40.69 41.40
N ALA A 160 -84.08 -41.16 40.29
CA ALA A 160 -84.45 -42.55 40.17
C ALA A 160 -83.21 -43.43 40.16
N LEU A 161 -83.36 -44.67 40.64
CA LEU A 161 -82.27 -45.63 40.68
C LEU A 161 -82.12 -46.28 39.31
N GLY A 162 -80.87 -46.38 38.85
CA GLY A 162 -80.57 -47.01 37.59
C GLY A 162 -79.21 -47.65 37.59
N PRO A 163 -79.04 -48.74 36.84
CA PRO A 163 -77.72 -49.39 36.77
C PRO A 163 -76.64 -48.49 36.20
N THR A 164 -76.99 -47.61 35.26
CA THR A 164 -76.05 -46.67 34.67
C THR A 164 -76.34 -45.29 35.23
N ILE A 165 -75.36 -44.70 35.91
CA ILE A 165 -75.51 -43.39 36.55
C ILE A 165 -74.38 -42.50 36.05
N LYS A 166 -74.73 -41.37 35.45
CA LYS A 166 -73.78 -40.39 34.96
C LYS A 166 -74.12 -39.03 35.53
N PHE A 167 -73.12 -38.35 36.10
CA PHE A 167 -73.33 -37.01 36.64
C PHE A 167 -71.98 -36.33 36.76
N GLY A 168 -72.00 -35.00 36.73
CA GLY A 168 -70.79 -34.22 36.80
C GLY A 168 -70.79 -33.19 37.90
N GLY A 169 -69.99 -32.14 37.76
CA GLY A 169 -69.90 -31.10 38.75
C GLY A 169 -69.03 -31.43 39.95
N VAL A 170 -68.42 -32.61 39.97
CA VAL A 170 -67.58 -33.04 41.08
C VAL A 170 -66.21 -32.39 40.92
N PRO A 171 -65.72 -31.66 41.92
CA PRO A 171 -64.38 -31.09 41.82
C PRO A 171 -63.32 -32.18 41.81
N VAL A 172 -62.15 -31.85 41.25
CA VAL A 172 -61.06 -32.81 41.18
C VAL A 172 -60.50 -33.03 42.58
N GLY A 173 -60.38 -34.29 42.96
CA GLY A 173 -59.86 -34.63 44.27
C GLY A 173 -60.17 -36.07 44.62
N ASP A 174 -60.06 -36.36 45.91
CA ASP A 174 -60.30 -37.69 46.45
C ASP A 174 -61.54 -37.67 47.34
N TYR A 175 -62.48 -38.56 47.06
CA TYR A 175 -63.75 -38.57 47.78
C TYR A 175 -64.22 -40.00 47.97
N LYS A 176 -65.07 -40.19 48.98
CA LYS A 176 -65.77 -41.44 49.19
C LYS A 176 -67.20 -41.32 48.65
N ILE A 177 -67.76 -42.47 48.29
CA ILE A 177 -69.09 -42.53 47.70
C ILE A 177 -69.95 -43.53 48.46
N ARG A 178 -71.17 -43.12 48.78
CA ARG A 178 -72.13 -43.99 49.42
C ARG A 178 -73.51 -43.76 48.81
N ILE A 179 -74.36 -44.77 48.90
CA ILE A 179 -75.68 -44.75 48.28
C ILE A 179 -76.73 -45.09 49.33
N SER A 180 -77.94 -44.57 49.11
CA SER A 180 -79.08 -44.86 49.98
C SER A 180 -80.32 -45.06 49.13
N GLY A 181 -81.12 -46.07 49.46
CA GLY A 181 -82.33 -46.35 48.73
C GLY A 181 -83.58 -45.85 49.44
N GLN A 182 -84.68 -45.72 48.71
CA GLN A 182 -85.91 -45.19 49.28
C GLN A 182 -87.10 -45.73 48.51
N VAL A 183 -88.08 -46.27 49.23
CA VAL A 183 -89.29 -46.82 48.66
C VAL A 183 -90.48 -46.30 49.45
N THR A 184 -91.51 -45.83 48.74
CA THR A 184 -92.70 -45.30 49.39
C THR A 184 -93.88 -46.25 49.19
N MET A 185 -94.54 -46.60 50.29
CA MET A 185 -95.71 -47.46 50.22
C MET A 185 -96.90 -46.67 49.68
N PRO A 186 -97.78 -47.32 48.88
CA PRO A 186 -98.84 -46.58 48.16
C PRO A 186 -99.63 -45.55 48.95
N ASP A 187 -99.60 -45.60 50.28
CA ASP A 187 -100.29 -44.58 51.06
C ASP A 187 -99.68 -43.20 50.84
N GLY A 188 -98.40 -43.14 50.48
CA GLY A 188 -97.70 -41.88 50.33
C GLY A 188 -97.21 -41.26 51.62
N VAL A 189 -97.46 -41.89 52.76
CA VAL A 189 -97.01 -41.36 54.04
C VAL A 189 -96.00 -42.34 54.63
N THR A 190 -96.13 -43.61 54.28
CA THR A 190 -95.21 -44.66 54.73
C THR A 190 -94.12 -44.85 53.69
N VAL A 191 -92.87 -44.68 54.11
CA VAL A 191 -91.73 -44.74 53.21
C VAL A 191 -90.72 -45.73 53.79
N ASP A 192 -90.23 -46.64 52.95
CA ASP A 192 -89.26 -47.66 53.34
C ASP A 192 -87.90 -47.31 52.78
N SER A 193 -86.87 -47.47 53.61
CA SER A 193 -85.49 -47.19 53.23
C SER A 193 -84.64 -48.44 53.34
N SER A 194 -83.65 -48.54 52.47
CA SER A 194 -82.71 -49.65 52.47
C SER A 194 -81.45 -49.36 53.26
N GLY A 195 -81.37 -48.21 53.92
CA GLY A 195 -80.16 -47.85 54.65
C GLY A 195 -79.13 -47.18 53.76
N TYR A 196 -77.91 -47.13 54.28
CA TYR A 196 -76.79 -46.52 53.58
C TYR A 196 -75.74 -47.57 53.25
N TYR A 197 -75.35 -47.63 51.98
CA TYR A 197 -74.30 -48.53 51.51
C TYR A 197 -73.18 -47.67 50.96
N GLU A 198 -71.95 -47.93 51.42
CA GLU A 198 -70.79 -47.15 51.03
C GLU A 198 -69.77 -48.05 50.34
N TYR A 199 -69.20 -47.55 49.24
CA TYR A 199 -68.18 -48.31 48.53
C TYR A 199 -66.91 -48.40 49.36
N PRO A 200 -66.27 -49.56 49.40
CA PRO A 200 -65.06 -49.69 50.23
C PRO A 200 -63.81 -49.11 49.59
N SER A 201 -63.85 -48.76 48.31
CA SER A 201 -62.68 -48.25 47.60
C SER A 201 -62.84 -46.76 47.36
N VAL A 202 -61.79 -46.00 47.68
CA VAL A 202 -61.82 -44.55 47.47
C VAL A 202 -61.42 -44.24 46.04
N PHE A 203 -62.26 -43.46 45.36
CA PHE A 203 -62.00 -43.05 43.99
C PHE A 203 -61.45 -41.63 43.96
N THR A 204 -60.75 -41.32 42.87
CA THR A 204 -60.09 -40.03 42.67
C THR A 204 -60.60 -39.40 41.39
N VAL A 205 -61.08 -38.15 41.48
CA VAL A 205 -61.44 -37.40 40.29
C VAL A 205 -60.17 -36.87 39.64
N ALA A 206 -60.07 -37.04 38.32
CA ALA A 206 -58.90 -36.60 37.58
C ALA A 206 -59.31 -36.16 36.18
N TYR A 207 -58.31 -35.79 35.38
CA TYR A 207 -58.51 -35.36 34.01
C TYR A 207 -57.96 -36.42 33.07
N ASN A 208 -58.76 -36.80 32.07
CA ASN A 208 -58.32 -37.72 31.02
C ASN A 208 -57.40 -36.95 30.08
N PHE A 209 -56.16 -36.73 30.54
CA PHE A 209 -55.20 -35.95 29.77
C PHE A 209 -53.80 -36.48 30.05
N VAL A 210 -53.16 -37.01 29.02
CA VAL A 210 -51.83 -37.59 29.14
C VAL A 210 -50.84 -36.65 28.45
N PRO A 211 -49.62 -36.49 28.98
CA PRO A 211 -48.63 -35.70 28.28
C PRO A 211 -48.35 -36.27 26.90
N PRO A 212 -48.13 -35.41 25.90
CA PRO A 212 -47.96 -35.90 24.52
C PRO A 212 -46.58 -36.50 24.27
N THR A 213 -46.31 -36.86 23.01
CA THR A 213 -45.04 -37.43 22.64
C THR A 213 -43.99 -36.32 22.44
N ALA A 214 -42.81 -36.73 21.95
CA ALA A 214 -41.73 -35.77 21.80
C ALA A 214 -41.48 -35.46 20.33
N PRO A 215 -41.02 -34.24 20.03
CA PRO A 215 -40.69 -33.88 18.66
C PRO A 215 -39.51 -34.70 18.15
N THR A 216 -39.53 -34.96 16.84
CA THR A 216 -38.48 -35.72 16.17
C THR A 216 -38.20 -35.11 14.80
N ASN A 217 -37.45 -35.87 13.99
CA ASN A 217 -37.19 -35.54 12.59
C ASN A 217 -36.50 -34.18 12.47
N ILE A 218 -35.34 -34.10 13.11
CA ILE A 218 -34.55 -32.87 13.09
C ILE A 218 -34.05 -32.61 11.67
N ALA A 219 -34.27 -31.39 11.19
CA ALA A 219 -33.85 -31.01 9.85
C ALA A 219 -33.30 -29.59 9.87
N PHE A 220 -32.43 -29.30 8.91
CA PHE A 220 -31.80 -27.99 8.79
C PHE A 220 -31.88 -27.50 7.36
N LYS A 221 -32.02 -26.19 7.21
CA LYS A 221 -31.96 -25.52 5.91
C LYS A 221 -31.09 -24.28 6.06
N ALA A 222 -30.39 -23.93 4.97
CA ALA A 222 -29.47 -22.81 5.00
C ALA A 222 -29.62 -21.99 3.72
N ALA A 223 -29.35 -20.69 3.84
CA ALA A 223 -29.37 -19.78 2.71
C ALA A 223 -28.38 -18.66 2.96
N ARG A 224 -27.93 -18.02 1.89
CA ARG A 224 -26.94 -16.96 1.97
C ARG A 224 -27.50 -15.69 1.35
N ILE A 225 -27.25 -14.55 2.01
CA ILE A 225 -27.64 -13.24 1.51
C ILE A 225 -26.39 -12.36 1.52
N ALA A 226 -26.14 -11.69 0.41
CA ALA A 226 -24.94 -10.87 0.23
C ALA A 226 -25.30 -9.45 -0.18
N ASP A 227 -26.24 -8.84 0.53
CA ASP A 227 -26.68 -7.47 0.23
C ASP A 227 -25.57 -6.52 0.65
N GLY A 228 -24.56 -6.41 -0.21
CA GLY A 228 -23.39 -5.62 0.11
C GLY A 228 -22.42 -6.38 0.99
N LYS A 229 -22.92 -6.91 2.10
CA LYS A 229 -22.12 -7.64 3.07
C LYS A 229 -22.53 -9.10 3.07
N GLU A 230 -21.53 -9.99 3.18
CA GLU A 230 -21.78 -11.41 3.24
C GLU A 230 -22.52 -11.78 4.52
N ARG A 231 -23.59 -12.57 4.39
CA ARG A 231 -24.33 -13.03 5.54
C ARG A 231 -25.06 -14.31 5.18
N TYR A 232 -25.42 -15.08 6.21
CA TYR A 232 -26.07 -16.37 6.03
C TYR A 232 -27.27 -16.46 6.97
N ASP A 233 -28.32 -17.15 6.52
CA ASP A 233 -29.49 -17.41 7.33
C ASP A 233 -29.78 -18.90 7.34
N ALA A 234 -30.01 -19.44 8.55
CA ALA A 234 -30.19 -20.87 8.74
C ALA A 234 -31.62 -21.14 9.20
N ARG A 235 -32.24 -22.18 8.63
CA ARG A 235 -33.58 -22.61 8.99
C ARG A 235 -33.49 -24.02 9.55
N ILE A 236 -34.09 -24.24 10.71
CA ILE A 236 -34.12 -25.55 11.36
C ILE A 236 -35.57 -26.02 11.43
N GLU A 237 -35.79 -27.28 11.02
CA GLU A 237 -37.14 -27.81 10.92
C GLU A 237 -37.22 -29.16 11.62
N TRP A 238 -38.44 -29.52 12.00
CA TRP A 238 -38.70 -30.77 12.71
C TRP A 238 -40.13 -31.19 12.43
N ASP A 239 -40.43 -32.44 12.78
CA ASP A 239 -41.77 -32.99 12.58
C ASP A 239 -42.22 -33.71 13.85
N TRP A 240 -43.53 -33.67 14.09
CA TRP A 240 -44.11 -34.33 15.24
C TRP A 240 -45.39 -35.03 14.81
N GLU A 241 -45.69 -36.14 15.47
CA GLU A 241 -46.82 -36.98 15.10
C GLU A 241 -47.83 -37.03 16.24
N ARG A 242 -49.10 -37.15 15.88
CA ARG A 242 -50.18 -37.21 16.87
C ARG A 242 -49.97 -38.38 17.82
N GLY A 243 -49.98 -39.59 17.28
CA GLY A 243 -49.75 -40.77 18.11
C GLY A 243 -50.77 -40.90 19.20
N ALA A 244 -50.36 -41.47 20.33
CA ALA A 244 -51.23 -41.53 21.50
C ALA A 244 -51.13 -40.26 22.33
N GLY A 245 -50.25 -39.34 21.95
CA GLY A 245 -50.12 -38.11 22.70
C GLY A 245 -51.28 -37.16 22.46
N ALA A 246 -51.33 -36.12 23.29
CA ALA A 246 -52.40 -35.15 23.23
C ALA A 246 -52.01 -33.98 22.32
N ASN A 247 -52.84 -32.94 22.35
CA ASN A 247 -52.56 -31.75 21.54
C ASN A 247 -51.26 -31.10 22.00
N VAL A 248 -50.48 -30.66 21.02
CA VAL A 248 -49.30 -29.84 21.28
C VAL A 248 -49.59 -28.43 20.80
N ARG A 249 -49.73 -27.50 21.74
CA ARG A 249 -50.13 -26.15 21.39
C ARG A 249 -48.98 -25.37 20.75
N GLU A 250 -47.75 -25.70 21.14
CA GLU A 250 -46.59 -24.97 20.63
C GLU A 250 -45.34 -25.80 20.82
N PHE A 251 -44.28 -25.40 20.12
CA PHE A 251 -42.96 -25.97 20.29
C PHE A 251 -41.98 -24.85 20.64
N LEU A 252 -41.21 -25.06 21.70
CA LEU A 252 -40.21 -24.10 22.14
C LEU A 252 -38.82 -24.64 21.84
N VAL A 253 -38.00 -23.81 21.20
CA VAL A 253 -36.65 -24.19 20.81
C VAL A 253 -35.67 -23.31 21.55
N THR A 254 -34.69 -23.96 22.19
CA THR A 254 -33.64 -23.27 22.92
C THR A 254 -32.30 -23.64 22.32
N TYR A 255 -31.48 -22.62 22.06
CA TYR A 255 -30.18 -22.83 21.41
C TYR A 255 -29.11 -22.09 22.18
N ILE A 256 -27.89 -22.63 22.09
CA ILE A 256 -26.73 -22.05 22.76
C ILE A 256 -25.49 -22.61 22.09
N ASN A 257 -24.36 -21.93 22.26
CA ASN A 257 -23.11 -22.38 21.68
C ASN A 257 -22.73 -23.76 22.22
N SER A 258 -22.21 -24.60 21.31
CA SER A 258 -21.89 -25.97 21.70
C SER A 258 -20.81 -26.00 22.77
N GLU A 259 -19.76 -25.20 22.60
CA GLU A 259 -18.73 -25.12 23.64
C GLU A 259 -19.29 -24.53 24.91
N GLU A 260 -20.12 -23.50 24.80
CA GLU A 260 -20.76 -22.94 25.99
C GLU A 260 -21.72 -23.95 26.62
N TYR A 261 -22.41 -24.74 25.79
CA TYR A 261 -23.27 -25.79 26.33
C TYR A 261 -22.47 -26.81 27.12
N ALA A 262 -21.31 -27.21 26.59
CA ALA A 262 -20.45 -28.12 27.34
C ALA A 262 -19.94 -27.49 28.62
N ARG A 263 -19.61 -26.20 28.57
CA ARG A 263 -19.03 -25.53 29.74
C ARG A 263 -20.04 -25.37 30.86
N THR A 264 -21.24 -24.87 30.55
CA THR A 264 -22.19 -24.51 31.59
C THR A 264 -23.62 -24.97 31.29
N GLY A 265 -23.84 -25.80 30.28
CA GLY A 265 -25.18 -26.26 29.99
C GLY A 265 -26.00 -25.17 29.34
N TRP A 266 -27.26 -25.05 29.75
CA TRP A 266 -28.19 -24.08 29.19
C TRP A 266 -28.40 -22.89 30.12
N ALA A 267 -27.33 -22.45 30.79
CA ALA A 267 -27.41 -21.33 31.72
C ALA A 267 -27.83 -20.06 31.00
N LYS A 268 -27.02 -19.59 30.06
CA LYS A 268 -27.34 -18.42 29.26
C LYS A 268 -27.83 -18.79 27.86
N ALA A 269 -28.56 -19.89 27.72
CA ALA A 269 -29.03 -20.32 26.42
C ALA A 269 -30.10 -19.37 25.90
N GLN A 270 -30.19 -19.27 24.57
CA GLN A 270 -31.17 -18.42 23.92
C GLN A 270 -32.38 -19.25 23.50
N LYS A 271 -33.57 -18.77 23.84
CA LYS A 271 -34.81 -19.48 23.60
C LYS A 271 -35.60 -18.78 22.49
N ILE A 272 -36.09 -19.58 21.54
CA ILE A 272 -36.92 -19.06 20.46
C ILE A 272 -38.13 -19.96 20.30
N ASN A 273 -39.32 -19.37 20.28
CA ASN A 273 -40.56 -20.12 20.12
C ASN A 273 -41.26 -19.68 18.84
N VAL A 274 -41.89 -20.65 18.19
CA VAL A 274 -42.64 -20.38 16.96
C VAL A 274 -44.11 -20.75 17.06
N GLY A 275 -44.50 -21.63 17.97
CA GLY A 275 -45.89 -22.03 18.09
C GLY A 275 -46.22 -23.27 17.28
N ALA A 276 -47.19 -23.16 16.38
CA ALA A 276 -47.65 -24.29 15.58
C ALA A 276 -46.78 -24.55 14.36
N ALA A 277 -45.88 -23.63 14.01
CA ALA A 277 -45.01 -23.86 12.87
C ALA A 277 -43.95 -24.91 13.21
N ARG A 278 -43.45 -25.57 12.17
CA ARG A 278 -42.43 -26.60 12.32
C ARG A 278 -41.14 -26.19 11.61
N ALA A 279 -40.92 -24.89 11.47
CA ALA A 279 -39.72 -24.37 10.84
C ALA A 279 -39.21 -23.18 11.64
N ALA A 280 -37.96 -23.29 12.12
CA ALA A 280 -37.33 -22.23 12.89
C ALA A 280 -36.18 -21.65 12.08
N THR A 281 -36.16 -20.34 11.93
CA THR A 281 -35.17 -19.64 11.13
C THR A 281 -34.32 -18.74 12.02
N ILE A 282 -33.01 -18.78 11.83
CA ILE A 282 -32.08 -17.94 12.57
C ILE A 282 -31.44 -16.97 11.59
N ILE A 283 -31.49 -15.69 11.91
CA ILE A 283 -30.91 -14.65 11.07
C ILE A 283 -29.49 -14.38 11.51
N SER A 284 -28.57 -14.37 10.53
CA SER A 284 -27.16 -14.09 10.78
C SER A 284 -26.56 -15.08 11.78
N PHE A 285 -26.74 -16.36 11.48
CA PHE A 285 -26.14 -17.38 12.32
C PHE A 285 -24.62 -17.33 12.22
N PRO A 286 -23.89 -17.57 13.30
CA PRO A 286 -22.43 -17.52 13.23
C PRO A 286 -21.88 -18.52 12.23
N TRP A 287 -20.83 -18.12 11.53
CA TRP A 287 -20.21 -18.93 10.50
C TRP A 287 -19.14 -19.83 11.11
N LYS A 288 -19.15 -21.10 10.71
CA LYS A 288 -18.16 -22.08 11.18
C LYS A 288 -18.17 -22.21 12.70
N VAL A 289 -19.36 -22.04 13.29
CA VAL A 289 -19.54 -22.16 14.73
C VAL A 289 -20.70 -23.11 14.98
N GLU A 290 -20.45 -24.15 15.77
CA GLU A 290 -21.51 -25.10 16.11
C GLU A 290 -22.20 -24.66 17.40
N HIS A 291 -23.52 -24.82 17.41
CA HIS A 291 -24.33 -24.49 18.57
C HIS A 291 -25.24 -25.67 18.91
N THR A 292 -25.63 -25.74 20.17
CA THR A 292 -26.52 -26.79 20.64
C THR A 292 -27.96 -26.28 20.63
N PHE A 293 -28.84 -27.05 20.00
CA PHE A 293 -30.25 -26.70 19.90
C PHE A 293 -31.07 -27.78 20.56
N LYS A 294 -32.04 -27.36 21.37
CA LYS A 294 -32.96 -28.29 21.99
C LYS A 294 -34.39 -27.78 21.79
N VAL A 295 -35.32 -28.72 21.63
CA VAL A 295 -36.72 -28.41 21.35
C VAL A 295 -37.57 -29.06 22.43
N SER A 296 -38.51 -28.28 22.98
CA SER A 296 -39.40 -28.78 24.02
C SER A 296 -40.84 -28.45 23.63
N SER A 297 -41.73 -29.42 23.85
CA SER A 297 -43.15 -29.22 23.58
C SER A 297 -43.89 -29.01 24.90
N ILE A 298 -44.53 -27.85 25.02
CA ILE A 298 -45.24 -27.48 26.24
C ILE A 298 -46.69 -27.17 25.89
N ALA A 299 -47.61 -27.80 26.59
CA ALA A 299 -49.04 -27.57 26.42
C ALA A 299 -49.67 -27.29 27.78
N TRP A 300 -50.84 -26.67 27.75
CA TRP A 300 -51.53 -26.35 28.99
C TRP A 300 -52.00 -27.62 29.68
N GLY A 301 -51.35 -27.94 30.80
CA GLY A 301 -51.61 -29.16 31.50
C GLY A 301 -52.81 -29.07 32.43
N PRO A 302 -52.95 -30.05 33.32
CA PRO A 302 -54.13 -30.06 34.21
C PRO A 302 -54.22 -28.85 35.12
N ASN A 303 -53.16 -28.56 35.88
CA ASN A 303 -53.19 -27.44 36.83
C ASN A 303 -52.94 -26.12 36.13
N ARG A 304 -51.73 -25.92 35.61
CA ARG A 304 -51.43 -24.74 34.81
C ARG A 304 -50.61 -25.01 33.56
N GLN A 305 -49.83 -26.09 33.50
CA GLN A 305 -48.99 -26.34 32.33
C GLN A 305 -48.52 -27.79 32.34
N ASP A 306 -48.08 -28.25 31.17
CA ASP A 306 -47.49 -29.56 31.01
C ASP A 306 -46.32 -29.44 30.04
N ILE A 307 -45.23 -30.13 30.34
CA ILE A 307 -44.00 -30.02 29.59
C ILE A 307 -43.59 -31.38 29.04
N THR A 308 -43.28 -31.41 27.75
CA THR A 308 -42.76 -32.62 27.11
C THR A 308 -41.58 -32.21 26.23
N GLU A 309 -40.37 -32.52 26.68
CA GLU A 309 -39.16 -32.07 26.02
C GLU A 309 -38.66 -33.11 25.04
N SER A 310 -37.67 -32.72 24.24
CA SER A 310 -37.01 -33.59 23.29
C SER A 310 -35.49 -33.48 23.46
N ALA A 311 -34.76 -34.41 22.81
CA ALA A 311 -33.32 -34.50 22.91
C ALA A 311 -32.64 -33.33 22.22
N PRO A 312 -31.58 -32.80 22.82
CA PRO A 312 -30.85 -31.70 22.19
C PRO A 312 -30.04 -32.18 20.99
N ALA A 313 -29.69 -31.22 20.13
CA ALA A 313 -28.90 -31.51 18.95
C ALA A 313 -28.00 -30.33 18.65
N THR A 314 -26.94 -30.61 17.90
CA THR A 314 -25.95 -29.60 17.53
C THR A 314 -25.82 -29.52 16.02
N PHE A 315 -25.41 -28.35 15.53
CA PHE A 315 -25.24 -28.14 14.11
C PHE A 315 -24.28 -26.98 13.90
N ILE A 316 -23.48 -27.09 12.84
CA ILE A 316 -22.52 -26.06 12.48
C ILE A 316 -22.76 -25.66 11.03
N LEU A 317 -22.45 -24.41 10.72
CA LEU A 317 -22.65 -23.84 9.39
C LEU A 317 -21.30 -23.54 8.78
N ASN A 318 -20.94 -24.25 7.71
CA ASN A 318 -19.69 -24.05 7.00
C ASN A 318 -19.96 -24.11 5.51
N GLU A 319 -18.88 -24.02 4.72
CA GLU A 319 -19.00 -24.09 3.28
C GLU A 319 -19.53 -25.45 2.82
N ASP A 320 -19.29 -26.51 3.60
CA ASP A 320 -19.81 -27.82 3.26
C ASP A 320 -21.32 -27.86 3.30
N THR A 321 -21.95 -27.00 4.07
CA THR A 321 -23.41 -26.97 4.16
C THR A 321 -23.98 -26.40 2.88
N PRO A 322 -24.90 -27.11 2.21
CA PRO A 322 -25.52 -26.54 1.00
C PRO A 322 -26.30 -25.29 1.31
N LEU A 323 -26.29 -24.35 0.37
CA LEU A 323 -26.97 -23.08 0.52
C LEU A 323 -27.94 -22.88 -0.64
N ASP A 324 -29.18 -22.53 -0.32
CA ASP A 324 -30.16 -22.17 -1.33
C ASP A 324 -30.04 -20.71 -1.77
N ASN A 325 -29.31 -19.90 -1.00
CA ASN A 325 -29.13 -18.47 -1.29
C ASN A 325 -30.47 -17.76 -1.39
N SER A 326 -31.11 -17.85 -2.57
CA SER A 326 -32.36 -17.21 -2.93
C SER A 326 -32.25 -15.69 -2.95
N PHE A 327 -31.09 -15.12 -2.65
CA PHE A 327 -30.93 -13.67 -2.69
C PHE A 327 -30.37 -13.22 -4.03
N VAL A 328 -29.82 -14.16 -4.81
CA VAL A 328 -29.29 -13.92 -6.14
C VAL A 328 -28.12 -12.93 -6.00
N ASN A 329 -28.06 -11.92 -6.86
CA ASN A 329 -26.90 -11.04 -6.93
C ASN A 329 -27.26 -9.71 -7.61
N GLU A 330 -26.25 -9.02 -8.12
CA GLU A 330 -26.38 -7.68 -8.71
C GLU A 330 -26.70 -6.63 -7.65
N THR A 331 -25.87 -6.60 -6.62
CA THR A 331 -25.92 -5.58 -5.58
C THR A 331 -24.64 -4.77 -5.63
N GLY A 332 -24.78 -3.44 -5.68
CA GLY A 332 -23.62 -2.57 -5.75
C GLY A 332 -22.79 -2.63 -4.48
N ILE A 333 -21.47 -2.53 -4.65
CA ILE A 333 -20.49 -2.56 -3.57
C ILE A 333 -20.51 -3.92 -2.87
N ASP A 334 -19.45 -4.70 -3.06
CA ASP A 334 -19.33 -6.03 -2.48
C ASP A 334 -18.35 -5.99 -1.32
N VAL A 335 -18.78 -6.50 -0.17
CA VAL A 335 -17.90 -6.63 1.00
C VAL A 335 -17.80 -8.11 1.35
N ASN A 336 -16.75 -8.76 0.87
CA ASN A 336 -16.57 -10.19 1.10
C ASN A 336 -15.12 -10.49 1.47
N TYR A 337 -14.85 -11.76 1.77
CA TYR A 337 -13.50 -12.22 2.05
C TYR A 337 -12.56 -12.01 0.88
N ALA A 338 -13.08 -11.96 -0.35
CA ALA A 338 -12.24 -11.93 -1.54
C ALA A 338 -11.58 -10.58 -1.78
N PHE A 339 -12.35 -9.52 -2.00
CA PHE A 339 -11.77 -8.25 -2.44
C PHE A 339 -12.75 -7.12 -2.15
N ILE A 340 -12.42 -5.96 -2.69
CA ILE A 340 -13.29 -4.78 -2.67
C ILE A 340 -13.31 -4.23 -4.09
N LYS A 341 -14.32 -4.63 -4.86
CA LYS A 341 -14.43 -4.24 -6.26
C LYS A 341 -15.61 -3.31 -6.44
N GLY A 342 -15.38 -2.20 -7.13
CA GLY A 342 -16.43 -1.25 -7.46
C GLY A 342 -16.58 -1.13 -8.97
N SER A 343 -17.82 -1.14 -9.43
CA SER A 343 -18.12 -1.06 -10.85
C SER A 343 -19.27 -0.09 -11.08
N MET A 344 -19.28 0.52 -12.25
CA MET A 344 -20.40 1.33 -12.71
C MET A 344 -21.04 0.66 -13.91
N LYS A 345 -22.36 0.47 -13.84
CA LYS A 345 -23.09 -0.25 -14.88
C LYS A 345 -23.37 0.69 -16.04
N GLU A 346 -22.77 0.42 -17.18
CA GLU A 346 -23.03 1.14 -18.43
C GLU A 346 -23.69 0.14 -19.38
N GLY A 347 -24.66 0.62 -20.15
CA GLY A 347 -25.42 -0.27 -21.01
C GLY A 347 -26.10 -1.36 -20.22
N GLU A 348 -25.60 -2.59 -20.33
CA GLU A 348 -26.10 -3.71 -19.55
C GLU A 348 -24.98 -4.57 -18.99
N ILE A 349 -23.78 -4.02 -18.83
CA ILE A 349 -22.61 -4.76 -18.35
C ILE A 349 -21.94 -3.92 -17.28
N TRP A 350 -21.43 -4.58 -16.24
CA TRP A 350 -20.71 -3.89 -15.17
C TRP A 350 -19.23 -3.87 -15.49
N LYS A 351 -18.65 -2.67 -15.54
CA LYS A 351 -17.22 -2.49 -15.74
C LYS A 351 -16.60 -2.05 -14.43
N GLN A 352 -15.63 -2.85 -13.95
CA GLN A 352 -14.98 -2.56 -12.69
C GLN A 352 -14.21 -1.25 -12.76
N THR A 353 -14.38 -0.40 -11.75
CA THR A 353 -13.64 0.85 -11.65
C THR A 353 -12.48 0.78 -10.67
N PHE A 354 -12.60 0.00 -9.60
CA PHE A 354 -11.49 -0.22 -8.69
C PHE A 354 -11.60 -1.63 -8.13
N LEU A 355 -10.48 -2.14 -7.65
CA LEU A 355 -10.42 -3.48 -7.08
C LEU A 355 -9.36 -3.50 -5.99
N ILE A 356 -9.80 -3.63 -4.75
CA ILE A 356 -8.90 -3.70 -3.59
C ILE A 356 -8.83 -5.16 -3.16
N ASP A 357 -7.73 -5.82 -3.50
CA ASP A 357 -7.56 -7.23 -3.18
C ASP A 357 -7.29 -7.39 -1.68
N ALA A 358 -8.04 -8.28 -1.03
CA ALA A 358 -7.83 -8.52 0.39
C ALA A 358 -6.61 -9.37 0.65
N ALA A 359 -6.36 -10.39 -0.19
CA ALA A 359 -5.29 -11.33 0.08
C ALA A 359 -3.91 -10.71 -0.12
N THR A 360 -3.74 -9.93 -1.20
CA THR A 360 -2.43 -9.40 -1.56
C THR A 360 -2.31 -7.88 -1.43
N GLY A 361 -3.43 -7.17 -1.36
CA GLY A 361 -3.39 -5.72 -1.29
C GLY A 361 -3.24 -5.01 -2.62
N ALA A 362 -3.28 -5.74 -3.73
CA ALA A 362 -3.19 -5.11 -5.04
C ALA A 362 -4.41 -4.22 -5.28
N ILE A 363 -4.16 -3.01 -5.78
CA ILE A 363 -5.22 -2.03 -5.99
C ILE A 363 -5.14 -1.53 -7.43
N ASN A 364 -6.26 -1.57 -8.13
CA ASN A 364 -6.40 -1.01 -9.47
C ASN A 364 -7.40 0.13 -9.39
N ILE A 365 -7.13 1.22 -10.13
CA ILE A 365 -7.99 2.39 -10.14
C ILE A 365 -8.28 2.76 -11.60
N GLY A 366 -9.55 3.00 -11.90
CA GLY A 366 -9.97 3.44 -13.22
C GLY A 366 -10.53 2.31 -14.05
N LEU A 367 -10.98 2.68 -15.24
CA LEU A 367 -11.58 1.71 -16.15
C LEU A 367 -10.49 0.87 -16.81
N LEU A 368 -10.61 -0.45 -16.68
CA LEU A 368 -9.62 -1.35 -17.27
C LEU A 368 -9.62 -1.22 -18.79
N ASP A 369 -8.42 -1.23 -19.36
CA ASP A 369 -8.26 -1.12 -20.81
C ASP A 369 -8.48 -2.47 -21.47
N GLU A 370 -8.09 -2.56 -22.75
CA GLU A 370 -8.23 -3.81 -23.50
C GLU A 370 -7.33 -4.91 -22.97
N GLU A 371 -6.26 -4.55 -22.24
CA GLU A 371 -5.31 -5.52 -21.73
C GLU A 371 -5.57 -5.89 -20.27
N GLY A 372 -6.67 -5.44 -19.69
CA GLY A 372 -7.00 -5.78 -18.32
C GLY A 372 -6.18 -5.05 -17.27
N LYS A 373 -5.55 -3.93 -17.63
CA LYS A 373 -4.76 -3.14 -16.69
C LYS A 373 -5.41 -1.79 -16.46
N ALA A 374 -5.62 -1.45 -15.20
CA ALA A 374 -6.25 -0.17 -14.87
C ALA A 374 -5.31 0.98 -15.18
N PRO A 375 -5.83 2.18 -15.43
CA PRO A 375 -4.94 3.34 -15.62
C PRO A 375 -4.04 3.59 -14.44
N ILE A 376 -4.51 3.30 -13.23
CA ILE A 376 -3.68 3.33 -12.03
C ILE A 376 -3.71 1.94 -11.41
N SER A 377 -2.54 1.32 -11.30
CA SER A 377 -2.43 -0.04 -10.79
C SER A 377 -1.40 -0.07 -9.68
N PHE A 378 -1.72 -0.79 -8.60
CA PHE A 378 -0.82 -1.00 -7.48
C PHE A 378 -0.56 -2.49 -7.34
N ASP A 379 0.72 -2.86 -7.29
CA ASP A 379 1.15 -4.25 -7.16
C ASP A 379 2.12 -4.36 -5.99
N PRO A 380 1.62 -4.34 -4.75
CA PRO A 380 2.53 -4.37 -3.60
C PRO A 380 3.36 -5.63 -3.50
N ILE A 381 2.98 -6.72 -4.17
CA ILE A 381 3.83 -7.90 -4.23
C ILE A 381 5.15 -7.54 -4.90
N ASN A 382 5.09 -6.81 -6.00
CA ASN A 382 6.27 -6.34 -6.70
C ASN A 382 6.62 -4.88 -6.37
N ARG A 383 5.70 -4.14 -5.74
CA ARG A 383 5.91 -2.74 -5.40
C ARG A 383 6.26 -1.92 -6.64
N VAL A 384 5.32 -1.85 -7.57
CA VAL A 384 5.50 -1.14 -8.84
C VAL A 384 4.45 -0.06 -8.94
N VAL A 385 4.89 1.18 -9.14
CA VAL A 385 4.00 2.31 -9.39
C VAL A 385 3.91 2.51 -10.89
N ASN A 386 2.98 1.80 -11.53
CA ASN A 386 2.77 1.90 -12.97
C ASN A 386 1.42 2.56 -13.22
N VAL A 387 1.46 3.76 -13.77
CA VAL A 387 0.25 4.53 -14.06
C VAL A 387 0.36 5.00 -15.51
N ASP A 388 -0.72 4.83 -16.27
CA ASP A 388 -0.77 5.32 -17.65
C ASP A 388 -1.22 6.79 -17.67
N GLY A 389 -0.36 7.64 -17.11
CA GLY A 389 -0.66 9.06 -17.03
C GLY A 389 0.52 9.90 -16.56
N LYS A 390 0.21 11.04 -15.95
CA LYS A 390 1.21 11.99 -15.49
C LYS A 390 1.14 12.10 -13.97
N VAL A 391 2.28 12.34 -13.35
CA VAL A 391 2.39 12.44 -11.90
C VAL A 391 2.73 13.89 -11.53
N ILE A 392 2.02 14.45 -10.57
CA ILE A 392 2.25 15.81 -10.10
C ILE A 392 2.61 15.74 -8.62
N THR A 393 3.80 16.25 -8.29
CA THR A 393 4.25 16.34 -6.91
C THR A 393 5.35 17.40 -6.86
N ARG A 394 5.91 17.58 -5.66
CA ARG A 394 6.82 18.71 -5.45
C ARG A 394 8.25 18.23 -5.16
N ASP A 395 8.43 17.41 -4.13
CA ASP A 395 9.75 17.03 -3.64
C ASP A 395 9.73 15.58 -3.17
N ILE A 396 10.56 14.75 -3.80
CA ILE A 396 10.75 13.37 -3.41
C ILE A 396 12.22 13.04 -3.62
N ASN A 397 12.78 12.20 -2.76
CA ASN A 397 14.20 11.87 -2.79
C ASN A 397 14.40 10.61 -3.62
N ALA A 398 15.60 10.45 -4.20
CA ALA A 398 15.90 9.29 -5.02
C ALA A 398 17.39 9.21 -5.27
N ALA A 399 17.83 8.02 -5.72
CA ALA A 399 19.24 7.83 -6.05
C ALA A 399 19.44 7.42 -7.50
N ASN A 400 18.65 6.47 -7.99
CA ASN A 400 18.84 5.90 -9.32
C ASN A 400 17.73 6.37 -10.25
N PHE A 401 18.11 6.70 -11.48
CA PHE A 401 17.17 7.17 -12.50
C PHE A 401 17.46 6.46 -13.81
N ILE A 402 16.40 6.08 -14.53
CA ILE A 402 16.52 5.49 -15.85
C ILE A 402 15.61 6.28 -16.78
N MET A 403 16.19 6.86 -17.83
CA MET A 403 15.40 7.47 -18.88
C MET A 403 14.81 6.38 -19.76
N THR A 404 13.56 6.01 -19.50
CA THR A 404 12.95 4.83 -20.09
C THR A 404 12.02 5.23 -21.22
N ASN A 405 12.16 4.55 -22.36
CA ASN A 405 11.26 4.74 -23.50
C ASN A 405 10.10 3.75 -23.41
N LEU A 406 8.97 4.19 -22.84
CA LEU A 406 7.85 3.30 -22.57
C LEU A 406 7.23 2.71 -23.83
N SER A 407 6.89 3.53 -24.82
CA SER A 407 6.21 3.06 -26.02
C SER A 407 7.16 2.82 -27.19
N GLY A 408 8.46 3.03 -27.02
CA GLY A 408 9.40 2.85 -28.09
C GLY A 408 9.51 4.02 -29.05
N GLU A 409 8.72 5.08 -28.85
CA GLU A 409 8.78 6.26 -29.70
C GLU A 409 8.92 7.56 -28.92
N ASP A 410 8.54 7.58 -27.63
CA ASP A 410 8.70 8.78 -26.82
C ASP A 410 10.17 9.04 -26.56
N ASN A 411 10.52 10.32 -26.46
CA ASN A 411 11.92 10.68 -26.19
C ASN A 411 12.13 10.75 -24.69
N PRO A 412 12.98 9.88 -24.14
CA PRO A 412 13.25 9.93 -22.70
C PRO A 412 14.22 11.06 -22.36
N ALA A 413 13.69 12.13 -21.79
CA ALA A 413 14.49 13.32 -21.55
C ALA A 413 13.91 14.08 -20.37
N ILE A 414 14.73 14.98 -19.82
CA ILE A 414 14.32 15.88 -18.75
C ILE A 414 14.19 17.28 -19.33
N TYR A 415 13.11 17.96 -18.98
CA TYR A 415 12.90 19.32 -19.45
C TYR A 415 12.00 20.06 -18.47
N THR A 416 12.27 21.35 -18.31
CA THR A 416 11.35 22.22 -17.60
C THR A 416 10.10 22.43 -18.45
N GLN A 417 9.01 22.82 -17.79
CA GLN A 417 7.74 22.99 -18.48
C GLN A 417 7.87 24.04 -19.58
N GLY A 418 7.41 23.69 -20.78
CA GLY A 418 7.50 24.57 -21.93
C GLY A 418 8.84 24.54 -22.65
N LYS A 419 9.75 23.68 -22.23
CA LYS A 419 11.08 23.61 -22.82
C LYS A 419 11.21 22.35 -23.68
N SER A 420 11.70 22.51 -24.89
CA SER A 420 11.93 21.42 -25.82
C SER A 420 13.39 21.41 -26.24
N TRP A 421 13.71 20.54 -27.20
CA TRP A 421 15.06 20.46 -27.72
C TRP A 421 15.29 21.51 -28.80
N GLY A 422 16.28 22.36 -28.60
CA GLY A 422 16.64 23.38 -29.58
C GLY A 422 15.72 24.57 -29.63
N ASP A 423 14.77 24.68 -28.72
CA ASP A 423 13.85 25.81 -28.73
C ASP A 423 14.52 27.07 -28.18
N ASN A 424 13.85 28.20 -28.38
CA ASN A 424 14.32 29.48 -27.88
C ASN A 424 13.95 29.71 -26.42
N ASN A 425 13.14 28.83 -25.82
CA ASN A 425 12.72 29.00 -24.44
C ASN A 425 13.87 28.72 -23.48
N SER A 426 13.89 29.46 -22.37
CA SER A 426 14.91 29.25 -21.36
C SER A 426 14.57 28.04 -20.51
N GLY A 427 15.55 27.16 -20.32
CA GLY A 427 15.34 25.97 -19.53
C GLY A 427 16.51 25.01 -19.68
N ILE A 428 16.31 23.81 -19.16
CA ILE A 428 17.31 22.75 -19.19
C ILE A 428 16.70 21.54 -19.89
N TRP A 429 17.39 21.05 -20.91
CA TRP A 429 16.93 19.90 -21.69
C TRP A 429 18.08 18.91 -21.78
N MET A 430 17.86 17.69 -21.30
CA MET A 430 18.87 16.63 -21.34
C MET A 430 18.18 15.31 -21.61
N GLY A 431 18.58 14.65 -22.69
CA GLY A 431 18.04 13.34 -22.99
C GLY A 431 18.64 12.77 -24.24
N MET A 432 18.30 11.51 -24.51
CA MET A 432 18.75 10.81 -25.71
C MET A 432 17.67 10.86 -26.78
N ASP A 433 18.02 11.40 -27.94
CA ASP A 433 17.09 11.48 -29.06
C ASP A 433 17.01 10.10 -29.72
N ASN A 434 15.81 9.52 -29.75
CA ASN A 434 15.64 8.18 -30.30
C ASN A 434 15.95 8.12 -31.79
N THR A 435 15.71 9.20 -32.54
CA THR A 435 16.01 9.21 -33.96
C THR A 435 17.50 9.06 -34.23
N SER A 436 18.34 9.75 -33.46
CA SER A 436 19.78 9.72 -33.66
C SER A 436 20.51 8.83 -32.67
N ALA A 437 19.82 8.34 -31.63
CA ALA A 437 20.43 7.51 -30.59
C ALA A 437 21.62 8.21 -29.93
N LYS A 438 21.50 9.52 -29.72
CA LYS A 438 22.56 10.33 -29.13
C LYS A 438 21.99 11.18 -28.00
N ALA A 439 22.73 11.25 -26.90
CA ALA A 439 22.33 12.10 -25.79
C ALA A 439 22.44 13.56 -26.19
N LYS A 440 21.38 14.33 -25.95
CA LYS A 440 21.33 15.72 -26.34
C LYS A 440 21.13 16.60 -25.12
N LEU A 441 21.92 17.67 -25.04
CA LEU A 441 21.91 18.58 -23.91
C LEU A 441 21.53 19.97 -24.40
N ASP A 442 20.72 20.68 -23.62
CA ASP A 442 20.29 22.03 -23.95
C ASP A 442 20.05 22.78 -22.65
N ILE A 443 21.02 23.58 -22.22
CA ILE A 443 20.90 24.40 -21.03
C ILE A 443 21.15 25.85 -21.44
N GLY A 444 20.23 26.73 -21.05
CA GLY A 444 20.37 28.14 -21.36
C GLY A 444 19.13 28.74 -21.98
N ASN A 445 19.31 29.73 -22.86
CA ASN A 445 18.18 30.39 -23.50
C ASN A 445 18.44 30.56 -24.99
N ALA A 446 17.62 31.38 -25.66
CA ALA A 446 17.78 31.58 -27.10
C ALA A 446 19.14 32.16 -27.46
N THR A 447 19.62 33.15 -26.70
CA THR A 447 20.90 33.78 -26.96
C THR A 447 22.07 33.07 -26.30
N GLN A 448 22.03 32.91 -24.98
CA GLN A 448 23.08 32.23 -24.23
C GLN A 448 22.61 30.81 -23.93
N TRP A 449 23.32 29.83 -24.49
CA TRP A 449 22.93 28.43 -24.27
C TRP A 449 24.17 27.56 -24.32
N ILE A 450 24.07 26.39 -23.70
CA ILE A 450 25.08 25.33 -23.78
C ILE A 450 24.36 24.11 -24.33
N ARG A 451 24.72 23.70 -25.55
CA ARG A 451 24.03 22.63 -26.25
C ARG A 451 25.04 21.58 -26.71
N TYR A 452 24.68 20.31 -26.53
CA TYR A 452 25.44 19.18 -27.02
C TYR A 452 24.47 18.26 -27.76
N ASP A 453 24.77 17.99 -29.03
CA ASP A 453 23.90 17.17 -29.87
C ASP A 453 24.36 15.73 -29.95
N GLY A 454 25.33 15.33 -29.14
CA GLY A 454 25.91 14.01 -29.18
C GLY A 454 27.16 13.90 -30.03
N ASP A 455 27.42 14.89 -30.88
CA ASP A 455 28.61 14.90 -31.73
C ASP A 455 29.57 16.03 -31.38
N VAL A 456 29.09 17.28 -31.38
CA VAL A 456 29.93 18.45 -31.13
C VAL A 456 29.31 19.24 -29.98
N LEU A 457 30.12 19.53 -28.97
CA LEU A 457 29.67 20.36 -27.86
C LEU A 457 29.98 21.82 -28.17
N ARG A 458 28.97 22.55 -28.63
CA ARG A 458 29.12 23.96 -28.98
C ARG A 458 28.42 24.80 -27.92
N ILE A 459 29.06 25.89 -27.51
CA ILE A 459 28.52 26.79 -26.49
C ILE A 459 28.52 28.20 -27.07
N SER A 460 27.33 28.75 -27.26
CA SER A 460 27.19 30.16 -27.62
C SER A 460 26.96 31.00 -26.37
N SER A 461 27.91 30.87 -25.44
CA SER A 461 27.85 31.57 -24.16
C SER A 461 29.27 31.86 -23.70
N GLY A 462 29.38 32.82 -22.80
CA GLY A 462 30.69 33.13 -22.23
C GLY A 462 31.23 31.96 -21.42
N VAL A 463 32.23 31.28 -21.97
CA VAL A 463 32.85 30.14 -21.30
C VAL A 463 34.05 30.66 -20.53
N VAL A 464 33.98 30.58 -19.21
CA VAL A 464 35.03 31.08 -18.32
C VAL A 464 35.61 29.90 -17.56
N ILE A 465 36.94 29.85 -17.52
CA ILE A 465 37.67 28.80 -16.82
C ILE A 465 38.63 29.47 -15.84
N GLY A 466 38.68 28.96 -14.61
CA GLY A 466 39.38 29.65 -13.55
C GLY A 466 40.78 29.09 -13.34
N THR A 467 41.67 29.93 -12.82
CA THR A 467 43.04 29.59 -12.47
C THR A 467 43.35 30.17 -11.09
N PRO A 468 44.33 29.61 -10.38
CA PRO A 468 44.69 30.17 -9.07
C PRO A 468 45.12 31.64 -9.14
N ASN A 469 45.66 32.04 -10.28
CA ASN A 469 46.07 33.42 -10.51
C ASN A 469 44.89 34.32 -10.91
N GLY A 470 43.72 33.75 -11.14
CA GLY A 470 42.54 34.50 -11.52
C GLY A 470 41.75 33.82 -12.63
N ASP A 471 40.86 34.59 -13.23
CA ASP A 471 40.04 34.08 -14.31
C ASP A 471 40.48 34.68 -15.64
N VAL A 472 40.68 33.82 -16.63
CA VAL A 472 41.11 34.22 -17.97
C VAL A 472 40.01 33.80 -18.95
N ASP A 473 39.58 34.74 -19.78
CA ASP A 473 38.55 34.47 -20.77
C ASP A 473 39.04 33.42 -21.75
N LEU A 474 38.29 32.34 -21.89
CA LEU A 474 38.71 31.25 -22.77
C LEU A 474 38.72 31.70 -24.23
N GLY A 475 37.72 32.47 -24.65
CA GLY A 475 37.69 32.96 -26.02
C GLY A 475 38.89 33.82 -26.34
N THR A 476 39.23 34.75 -25.44
CA THR A 476 40.43 35.56 -25.62
C THR A 476 41.70 34.72 -25.43
N GLY A 477 41.65 33.75 -24.53
CA GLY A 477 42.82 32.91 -24.29
C GLY A 477 43.22 32.11 -25.51
N MET A 478 42.23 31.64 -26.29
CA MET A 478 42.54 30.88 -27.49
C MET A 478 42.09 31.59 -28.76
N GLN A 479 42.36 32.89 -28.88
CA GLN A 479 42.09 33.61 -30.11
C GLN A 479 43.18 33.36 -31.13
N GLY A 480 44.18 32.56 -30.76
CA GLY A 480 45.29 32.26 -31.63
C GLY A 480 46.19 33.45 -31.90
N LYS A 481 46.45 34.25 -30.86
CA LYS A 481 47.33 35.40 -31.01
C LYS A 481 48.76 34.94 -31.26
N GLN A 482 49.21 35.08 -32.50
CA GLN A 482 50.52 34.62 -32.92
C GLN A 482 51.47 35.81 -33.06
N THR A 483 52.63 35.72 -32.42
CA THR A 483 53.64 36.77 -32.53
C THR A 483 54.35 36.64 -33.86
N VAL A 484 54.04 37.53 -34.79
CA VAL A 484 54.58 37.49 -36.15
C VAL A 484 55.53 38.66 -36.34
N PHE A 485 56.47 38.49 -37.28
CA PHE A 485 57.45 39.50 -37.60
C PHE A 485 57.38 39.85 -39.08
N VAL A 486 57.45 41.14 -39.39
CA VAL A 486 57.50 41.61 -40.76
C VAL A 486 58.83 42.31 -40.98
N TYR A 487 59.43 42.02 -42.13
CA TYR A 487 60.79 42.45 -42.41
C TYR A 487 60.81 43.42 -43.59
N LYS A 488 61.75 44.36 -43.55
CA LYS A 488 61.89 45.37 -44.58
C LYS A 488 63.37 45.71 -44.74
N LEU A 489 63.79 45.95 -45.98
CA LEU A 489 65.17 46.30 -46.26
C LEU A 489 65.30 47.80 -46.47
N ALA A 490 66.22 48.42 -45.72
CA ALA A 490 66.46 49.85 -45.83
C ALA A 490 67.85 50.16 -45.32
N THR A 491 68.37 51.32 -45.74
CA THR A 491 69.68 51.78 -45.29
C THR A 491 69.62 52.44 -43.91
N SER A 492 68.42 52.79 -43.44
CA SER A 492 68.26 53.40 -42.13
C SER A 492 67.05 52.79 -41.46
N LEU A 493 66.79 53.24 -40.23
CA LEU A 493 65.67 52.70 -39.46
C LEU A 493 64.34 53.17 -40.04
N PRO A 494 63.48 52.26 -40.49
CA PRO A 494 62.17 52.67 -41.00
C PRO A 494 61.26 53.15 -39.89
N ALA A 495 60.28 53.97 -40.26
CA ALA A 495 59.28 54.43 -39.32
C ALA A 495 58.37 53.28 -38.91
N LYS A 496 57.77 53.41 -37.73
CA LYS A 496 56.87 52.38 -37.24
C LYS A 496 55.65 52.28 -38.14
N PRO A 497 55.31 51.09 -38.63
CA PRO A 497 54.12 50.96 -39.50
C PRO A 497 52.85 51.32 -38.75
N LEU A 498 51.91 51.93 -39.46
CA LEU A 498 50.63 52.31 -38.89
C LEU A 498 49.49 51.42 -39.36
N GLU A 499 49.62 50.81 -40.53
CA GLU A 499 48.59 49.92 -41.03
C GLU A 499 48.57 48.61 -40.24
N GLN A 500 47.36 48.08 -40.06
CA GLN A 500 47.15 46.83 -39.35
C GLN A 500 47.29 45.61 -40.27
N ASP A 501 47.54 45.82 -41.56
CA ASP A 501 47.67 44.72 -42.49
C ASP A 501 48.92 43.90 -42.19
N TYR A 502 48.82 42.59 -42.42
CA TYR A 502 49.92 41.65 -42.23
C TYR A 502 50.24 41.01 -43.57
N PRO A 503 51.33 41.40 -44.24
CA PRO A 503 52.30 42.41 -43.83
C PRO A 503 51.83 43.83 -44.15
N PRO A 504 52.33 44.83 -43.44
CA PRO A 504 52.00 46.22 -43.78
C PRO A 504 52.67 46.62 -45.09
N PRO A 505 52.17 47.65 -45.76
CA PRO A 505 52.78 48.07 -47.03
C PRO A 505 54.25 48.41 -46.85
N GLY A 506 55.06 47.97 -47.81
CA GLY A 506 56.50 48.11 -47.74
C GLY A 506 57.21 47.07 -46.90
N TRP A 507 56.47 46.11 -46.34
CA TRP A 507 57.03 45.07 -45.49
C TRP A 507 56.71 43.70 -46.05
N SER A 508 57.54 42.72 -45.68
CA SER A 508 57.39 41.35 -46.13
C SER A 508 57.31 40.41 -44.94
N LYS A 509 56.49 39.37 -45.08
CA LYS A 509 56.36 38.37 -44.02
C LYS A 509 57.66 37.62 -43.74
N THR A 510 58.38 37.22 -44.77
CA THR A 510 59.65 36.55 -44.62
C THR A 510 60.80 37.54 -44.83
N PRO A 511 61.95 37.32 -44.19
CA PRO A 511 63.08 38.24 -44.38
C PRO A 511 63.58 38.17 -45.82
N PRO A 512 63.49 39.27 -46.56
CA PRO A 512 63.94 39.27 -47.95
C PRO A 512 65.45 39.11 -48.03
N ASN A 513 65.91 38.52 -49.13
CA ASN A 513 67.34 38.32 -49.34
C ASN A 513 68.05 39.66 -49.40
N ARG A 514 69.16 39.77 -48.69
CA ARG A 514 69.92 41.02 -48.61
C ARG A 514 70.92 41.06 -49.75
N THR A 515 70.44 41.33 -50.97
CA THR A 515 71.30 41.49 -52.13
C THR A 515 72.27 42.64 -52.00
N ASP A 516 71.82 43.79 -51.51
CA ASP A 516 72.68 44.94 -51.23
C ASP A 516 73.08 44.86 -49.76
N MET A 517 74.36 44.72 -49.50
CA MET A 517 74.87 44.56 -48.13
C MET A 517 74.65 45.81 -47.30
N THR A 518 74.76 47.00 -47.90
CA THR A 518 74.59 48.25 -47.17
C THR A 518 73.25 48.36 -46.47
N GLN A 519 72.18 47.84 -47.08
CA GLN A 519 70.86 47.84 -46.47
C GLN A 519 70.80 46.80 -45.37
N ASN A 520 69.82 46.95 -44.48
CA ASN A 520 69.63 46.04 -43.35
C ASN A 520 68.17 45.60 -43.28
N ILE A 521 67.97 44.40 -42.75
CA ILE A 521 66.64 43.84 -42.57
C ILE A 521 66.12 44.30 -41.22
N TYR A 522 65.05 45.09 -41.23
CA TYR A 522 64.43 45.62 -40.03
C TYR A 522 63.12 44.91 -39.76
N ALA A 523 62.94 44.45 -38.53
CA ALA A 523 61.77 43.66 -38.15
C ALA A 523 61.02 44.34 -37.02
N THR A 524 59.70 44.35 -37.15
CA THR A 524 58.80 44.80 -36.09
C THR A 524 57.71 43.74 -35.90
N THR A 525 57.22 43.66 -34.66
CA THR A 525 56.30 42.59 -34.27
C THR A 525 55.00 43.18 -33.73
N GLY A 526 53.94 42.38 -33.82
CA GLY A 526 52.64 42.75 -33.30
C GLY A 526 51.81 41.52 -33.05
N THR A 527 50.64 41.74 -32.44
CA THR A 527 49.73 40.65 -32.12
C THR A 527 48.80 40.43 -33.31
N LEU A 528 48.94 39.27 -33.95
CA LEU A 528 48.18 38.95 -35.15
C LEU A 528 46.89 38.23 -34.79
N ASP A 529 45.81 38.59 -35.47
CA ASP A 529 44.54 37.90 -35.32
C ASP A 529 44.34 36.96 -36.50
N PRO A 530 44.42 35.64 -36.29
CA PRO A 530 44.30 34.70 -37.42
C PRO A 530 42.95 34.77 -38.12
N VAL A 531 41.87 35.09 -37.41
CA VAL A 531 40.55 35.15 -38.03
C VAL A 531 40.51 36.27 -39.07
N THR A 532 41.02 37.44 -38.74
CA THR A 532 41.06 38.57 -39.66
C THR A 532 42.36 38.66 -40.44
N ASN A 533 43.36 37.84 -40.11
CA ASN A 533 44.67 37.87 -40.77
C ASN A 533 45.31 39.25 -40.66
N ARG A 534 45.01 39.96 -39.59
CA ARG A 534 45.52 41.30 -39.35
C ARG A 534 45.94 41.45 -37.90
N LEU A 535 46.44 42.63 -37.56
CA LEU A 535 46.84 42.91 -36.19
C LEU A 535 45.63 42.90 -35.27
N LEU A 536 45.84 42.45 -34.03
CA LEU A 536 44.77 42.41 -33.05
C LEU A 536 44.28 43.83 -32.74
N GLU A 537 42.96 43.95 -32.57
CA GLU A 537 42.37 45.25 -32.24
C GLU A 537 42.91 45.75 -30.90
N GLY A 538 43.30 47.02 -30.88
CA GLY A 538 43.90 47.62 -29.70
C GLY A 538 45.40 47.46 -29.61
N THR A 539 46.01 46.71 -30.52
CA THR A 539 47.45 46.52 -30.56
C THR A 539 47.99 46.89 -31.94
N SER A 540 49.25 47.32 -31.96
CA SER A 540 49.90 47.74 -33.19
C SER A 540 51.30 47.13 -33.26
N TRP A 541 51.99 47.40 -34.36
CA TRP A 541 53.35 46.93 -34.52
C TRP A 541 54.26 47.56 -33.48
N SER A 542 55.26 46.80 -33.04
CA SER A 542 56.22 47.30 -32.09
C SER A 542 57.16 48.29 -32.78
N ASP A 543 58.05 48.88 -31.98
CA ASP A 543 59.04 49.80 -32.53
C ASP A 543 59.96 49.07 -33.51
N VAL A 544 60.21 49.70 -34.65
CA VAL A 544 61.04 49.09 -35.68
C VAL A 544 62.48 49.02 -35.20
N VAL A 545 63.06 47.82 -35.25
CA VAL A 545 64.41 47.58 -34.78
C VAL A 545 65.15 46.76 -35.83
N GLN A 546 66.48 46.90 -35.81
CA GLN A 546 67.34 46.15 -36.76
C GLN A 546 67.21 44.66 -36.45
N TRP A 547 67.24 43.82 -37.47
CA TRP A 547 67.15 42.38 -37.28
C TRP A 547 68.29 41.62 -37.91
N SER A 548 68.91 42.16 -38.96
CA SER A 548 70.01 41.48 -39.65
C SER A 548 71.34 42.11 -39.30
N GLY A 549 72.40 41.62 -39.95
CA GLY A 549 73.73 42.13 -39.68
C GLY A 549 73.94 43.51 -40.26
N THR A 550 74.98 44.18 -39.77
CA THR A 550 75.30 45.53 -40.19
C THR A 550 76.69 45.57 -40.82
N GLU A 551 76.79 46.22 -41.98
CA GLU A 551 78.09 46.39 -42.62
C GLU A 551 78.98 47.30 -41.79
N GLY A 552 80.25 46.93 -41.71
CA GLY A 552 81.20 47.72 -40.96
C GLY A 552 81.61 48.98 -41.70
N THR A 553 82.28 49.88 -40.97
CA THR A 553 82.73 51.13 -41.57
C THR A 553 84.10 50.95 -42.20
N ILE A 554 84.61 52.04 -42.78
CA ILE A 554 85.92 51.99 -43.42
C ILE A 554 87.01 52.28 -42.40
N GLY A 555 87.95 51.35 -42.27
CA GLY A 555 89.03 51.54 -41.32
C GLY A 555 90.22 52.23 -41.96
N HIS A 556 91.40 52.02 -41.38
CA HIS A 556 92.62 52.61 -41.90
C HIS A 556 93.73 51.58 -42.00
N ASP A 557 94.64 51.79 -42.94
CA ASP A 557 95.70 50.81 -43.19
C ASP A 557 97.07 51.46 -43.09
N GLY A 558 98.08 50.73 -43.56
CA GLY A 558 99.45 51.23 -43.46
C GLY A 558 99.62 52.58 -44.12
N GLN A 559 100.53 53.37 -43.55
CA GLN A 559 100.70 54.75 -43.98
C GLN A 559 101.51 54.84 -45.28
N ARG A 560 101.39 55.98 -45.95
CA ARG A 560 102.13 56.23 -47.17
C ARG A 560 103.62 56.35 -46.89
N GLY A 561 104.43 55.96 -47.87
CA GLY A 561 105.87 56.00 -47.73
C GLY A 561 106.49 57.13 -48.53
N PRO A 562 107.37 57.89 -47.88
CA PRO A 562 108.03 59.01 -48.58
C PRO A 562 109.26 58.53 -49.35
N GLY A 563 109.99 59.50 -49.91
CA GLY A 563 111.20 59.19 -50.63
C GLY A 563 112.16 60.36 -50.59
N MET A 564 113.39 60.10 -51.06
CA MET A 564 114.45 61.09 -51.12
C MET A 564 114.20 62.01 -52.31
N TYR A 565 113.20 62.88 -52.19
CA TYR A 565 112.72 63.71 -53.28
C TYR A 565 113.61 64.93 -53.45
N SER A 566 113.51 65.55 -54.61
CA SER A 566 114.25 66.76 -54.93
C SER A 566 113.39 67.66 -55.81
N VAL A 567 112.94 68.77 -55.23
CA VAL A 567 112.04 69.69 -55.93
C VAL A 567 112.66 71.08 -55.89
N GLY A 568 112.31 71.91 -56.89
CA GLY A 568 112.84 73.25 -56.95
C GLY A 568 111.72 74.28 -56.89
N ILE A 569 112.03 75.45 -56.33
CA ILE A 569 111.09 76.56 -56.22
C ILE A 569 111.75 77.79 -56.81
N ALA A 570 111.04 78.49 -57.69
CA ALA A 570 111.58 79.70 -58.30
C ALA A 570 111.74 80.79 -57.25
N GLY A 571 112.84 81.54 -57.35
CA GLY A 571 113.10 82.59 -56.39
C GLY A 571 113.31 82.12 -54.97
N LEU A 572 114.09 81.07 -54.77
CA LEU A 572 114.27 80.51 -53.44
C LEU A 572 115.48 81.13 -52.75
N GLY A 573 115.26 81.72 -51.57
CA GLY A 573 116.33 82.29 -50.79
C GLY A 573 116.55 81.56 -49.48
N GLY A 574 115.71 80.55 -49.23
CA GLY A 574 115.82 79.77 -48.01
C GLY A 574 114.77 78.68 -48.01
N TRP A 575 114.84 77.84 -46.99
CA TRP A 575 113.87 76.76 -46.86
C TRP A 575 112.47 77.33 -46.64
N ASP A 576 111.50 76.79 -47.39
CA ASP A 576 110.13 77.28 -47.36
C ASP A 576 109.23 76.18 -46.82
N ASP A 577 108.79 76.34 -45.57
CA ASP A 577 107.85 75.38 -44.99
C ASP A 577 106.51 75.42 -45.70
N GLY A 578 106.03 76.62 -46.03
CA GLY A 578 104.75 76.73 -46.70
C GLY A 578 104.74 76.10 -48.08
N GLN A 579 105.78 76.36 -48.87
CA GLN A 579 105.88 75.76 -50.20
C GLN A 579 106.02 74.25 -50.10
N ALA A 580 106.80 73.76 -49.13
CA ALA A 580 106.93 72.32 -48.95
C ALA A 580 105.59 71.68 -48.61
N ASN A 581 104.84 72.30 -47.69
CA ASN A 581 103.53 71.77 -47.32
C ASN A 581 102.57 71.81 -48.50
N SER A 582 102.61 72.88 -49.30
CA SER A 582 101.76 72.97 -50.47
C SER A 582 102.10 71.88 -51.48
N PHE A 583 103.39 71.58 -51.64
CA PHE A 583 103.81 70.52 -52.55
C PHE A 583 103.19 69.18 -52.16
N PHE A 584 103.31 68.81 -50.87
CA PHE A 584 102.73 67.56 -50.38
C PHE A 584 101.21 67.56 -50.50
N THR A 585 100.55 68.66 -50.14
CA THR A 585 99.09 68.69 -50.21
C THR A 585 98.62 68.56 -51.66
N SER A 586 99.32 69.19 -52.60
CA SER A 586 98.92 69.12 -54.00
C SER A 586 99.14 67.73 -54.58
N ASN A 587 100.33 67.13 -54.36
CA ASN A 587 100.62 65.85 -54.99
C ASN A 587 100.20 64.65 -54.17
N PHE A 588 100.69 64.51 -52.94
CA PHE A 588 100.45 63.32 -52.12
C PHE A 588 99.00 63.14 -51.71
N SER A 589 98.19 64.20 -51.69
CA SER A 589 96.81 64.14 -51.20
C SER A 589 96.75 63.68 -49.74
N SER A 590 97.86 63.86 -49.01
CA SER A 590 97.94 63.45 -47.62
C SER A 590 99.05 64.22 -46.94
N ALA A 591 99.00 64.25 -45.61
CA ALA A 591 100.01 64.96 -44.84
C ALA A 591 101.34 64.21 -44.88
N PRO A 592 102.46 64.93 -44.75
CA PRO A 592 103.76 64.25 -44.70
C PRO A 592 103.86 63.33 -43.49
N VAL A 593 104.63 62.26 -43.65
CA VAL A 593 104.76 61.22 -42.64
C VAL A 593 106.12 61.35 -41.97
N LYS A 594 106.32 60.56 -40.92
CA LYS A 594 107.55 60.62 -40.14
C LYS A 594 108.76 60.26 -41.00
N TYR A 595 109.90 60.89 -40.70
CA TYR A 595 111.15 60.68 -41.41
C TYR A 595 111.00 60.97 -42.90
N ASP A 596 110.29 62.05 -43.23
CA ASP A 596 110.15 62.46 -44.62
C ASP A 596 111.25 63.45 -44.98
N VAL A 597 111.96 63.16 -46.08
CA VAL A 597 113.07 63.98 -46.53
C VAL A 597 112.69 64.63 -47.87
N LEU A 598 112.77 65.94 -47.92
CA LEU A 598 112.50 66.70 -49.14
C LEU A 598 113.61 67.72 -49.34
N THR A 599 114.06 67.87 -50.59
CA THR A 599 115.14 68.79 -50.93
C THR A 599 114.57 69.95 -51.72
N GLU A 600 114.84 71.16 -51.25
CA GLU A 600 114.42 72.39 -51.94
C GLU A 600 115.65 73.15 -52.41
N TYR A 601 115.65 73.56 -53.67
CA TYR A 601 116.79 74.23 -54.27
C TYR A 601 116.32 75.23 -55.30
N LYS A 602 117.21 76.16 -55.65
CA LYS A 602 116.95 77.10 -56.73
C LYS A 602 117.66 76.63 -57.99
N SER A 603 116.89 76.36 -59.04
CA SER A 603 117.45 75.66 -60.21
C SER A 603 118.49 76.49 -60.95
N ASP A 604 118.24 77.79 -61.12
CA ASP A 604 119.18 78.66 -61.82
C ASP A 604 120.55 78.71 -61.18
N ALA A 605 120.62 78.56 -59.85
CA ALA A 605 121.90 78.44 -59.14
C ALA A 605 121.85 77.17 -58.30
N PRO A 606 122.25 76.04 -58.87
CA PRO A 606 122.05 74.74 -58.19
C PRO A 606 122.75 74.62 -56.85
N GLY A 607 123.75 75.46 -56.58
CA GLY A 607 124.40 75.42 -55.27
C GLY A 607 123.46 75.74 -54.12
N THR A 608 122.55 76.68 -54.30
CA THR A 608 121.59 77.06 -53.26
C THR A 608 120.56 75.94 -53.12
N ALA A 609 120.83 75.01 -52.20
CA ALA A 609 119.93 73.90 -51.95
C ALA A 609 119.73 73.73 -50.45
N PHE A 610 118.52 73.33 -50.07
CA PHE A 610 118.16 73.12 -48.67
C PHE A 610 117.44 71.79 -48.53
N THR A 611 117.83 71.01 -47.52
CA THR A 611 117.23 69.72 -47.24
C THR A 611 116.83 69.66 -45.77
N ARG A 612 115.58 69.23 -45.52
CA ARG A 612 115.06 69.11 -44.17
C ARG A 612 114.33 67.79 -44.03
N GLN A 613 114.24 67.31 -42.80
CA GLN A 613 113.58 66.05 -42.48
C GLN A 613 112.32 66.31 -41.67
N TRP A 614 111.21 65.69 -42.09
CA TRP A 614 109.95 65.82 -41.37
C TRP A 614 109.86 64.73 -40.32
N ASN A 615 110.00 65.11 -39.06
CA ASN A 615 110.01 64.15 -37.95
C ASN A 615 108.62 63.81 -37.43
N GLY A 616 107.58 64.01 -38.24
CA GLY A 616 106.22 63.70 -37.86
C GLY A 616 105.41 64.89 -37.40
N SER A 617 106.06 66.00 -37.04
CA SER A 617 105.35 67.19 -36.61
C SER A 617 105.84 68.48 -37.25
N GLY A 618 106.97 68.47 -37.94
CA GLY A 618 107.48 69.68 -38.58
C GLY A 618 108.77 69.37 -39.31
N TRP A 619 109.30 70.41 -39.97
CA TRP A 619 110.54 70.28 -40.72
C TRP A 619 111.70 70.68 -39.82
N VAL A 620 112.64 69.75 -39.62
CA VAL A 620 113.82 69.98 -38.80
C VAL A 620 115.06 69.58 -39.59
N ASN A 621 116.21 70.08 -39.15
CA ASN A 621 117.46 69.75 -39.81
C ASN A 621 117.82 68.30 -39.56
N PRO A 622 118.01 67.48 -40.60
CA PRO A 622 118.34 66.07 -40.37
C PRO A 622 119.75 65.91 -39.83
N ALA A 623 119.96 64.82 -39.09
CA ALA A 623 121.27 64.56 -38.50
C ALA A 623 122.32 64.30 -39.58
N MET A 624 122.01 63.39 -40.51
CA MET A 624 122.95 63.01 -41.57
C MET A 624 122.16 62.72 -42.84
N VAL A 625 122.05 63.71 -43.72
CA VAL A 625 121.48 63.52 -45.05
C VAL A 625 122.52 64.04 -46.03
N LEU A 626 122.90 63.19 -46.98
CA LEU A 626 123.95 63.50 -47.94
C LEU A 626 123.57 62.98 -49.34
N HIS A 627 123.25 63.94 -50.21
CA HIS A 627 122.80 63.63 -51.56
C HIS A 627 123.99 63.55 -52.51
N GLY A 628 123.73 63.15 -53.75
CA GLY A 628 124.76 63.17 -54.78
C GLY A 628 124.94 64.57 -55.34
N ASN A 629 124.01 65.47 -55.02
CA ASN A 629 124.13 66.86 -55.45
C ASN A 629 124.58 67.77 -54.32
N MET A 630 125.28 67.22 -53.32
CA MET A 630 125.72 67.94 -52.14
C MET A 630 126.89 68.88 -52.46
N ILE A 631 127.44 68.79 -53.67
CA ILE A 631 128.52 69.67 -54.10
C ILE A 631 127.94 71.05 -54.39
N VAL A 632 128.08 71.97 -53.43
CA VAL A 632 127.44 73.28 -53.50
C VAL A 632 128.42 74.31 -54.06
N ASN A 633 129.53 74.53 -53.37
CA ASN A 633 130.45 75.61 -53.77
C ASN A 633 131.53 75.10 -54.71
N GLY A 634 131.13 74.38 -55.76
CA GLY A 634 132.03 73.97 -56.84
C GLY A 634 133.38 73.43 -56.42
N THR A 635 133.50 72.91 -55.20
CA THR A 635 134.79 72.53 -54.64
C THR A 635 134.85 71.02 -54.46
N ILE A 636 135.88 70.39 -55.00
CA ILE A 636 136.15 68.98 -54.79
C ILE A 636 137.51 68.87 -54.13
N THR A 637 137.56 68.25 -52.95
CA THR A 637 138.79 68.15 -52.16
C THR A 637 139.22 66.70 -52.04
N ALA A 638 140.51 66.46 -52.18
CA ALA A 638 141.09 65.12 -52.03
C ALA A 638 142.56 65.25 -51.70
N ASP A 639 143.09 64.23 -51.03
CA ASP A 639 144.51 64.23 -50.69
C ASP A 639 145.38 64.19 -51.94
N LYS A 640 145.01 63.36 -52.91
CA LYS A 640 145.74 63.24 -54.17
C LYS A 640 144.74 63.17 -55.31
N ILE A 641 145.02 63.91 -56.38
CA ILE A 641 144.21 63.91 -57.59
C ILE A 641 144.99 63.19 -58.68
N VAL A 642 144.50 62.03 -59.10
CA VAL A 642 145.15 61.20 -60.11
C VAL A 642 144.34 61.31 -61.39
N ALA A 643 144.83 62.09 -62.35
CA ALA A 643 144.17 62.27 -63.62
C ALA A 643 145.18 62.78 -64.65
N GLY A 644 145.04 62.29 -65.88
CA GLY A 644 145.90 62.73 -66.96
C GLY A 644 145.38 64.00 -67.62
N ASN A 645 144.28 64.53 -67.11
CA ASN A 645 143.65 65.73 -67.64
C ASN A 645 143.16 66.60 -66.50
N ALA A 646 143.95 67.62 -66.16
CA ALA A 646 143.63 68.54 -65.07
C ALA A 646 143.63 69.96 -65.62
N PHE A 647 142.82 70.83 -65.02
CA PHE A 647 142.62 72.19 -65.49
C PHE A 647 142.68 73.15 -64.30
N LEU A 648 143.68 74.02 -64.29
CA LEU A 648 143.80 75.08 -63.30
C LEU A 648 144.40 76.32 -63.96
N SER A 649 143.54 77.30 -64.26
CA SER A 649 144.02 78.56 -64.83
C SER A 649 144.96 79.28 -63.89
N GLN A 650 144.55 79.48 -62.64
CA GLN A 650 145.40 80.05 -61.61
C GLN A 650 145.61 79.00 -60.53
N ILE A 651 146.77 78.35 -60.57
CA ILE A 651 147.09 77.22 -59.70
C ILE A 651 147.94 77.72 -58.54
N GLY A 652 147.47 77.45 -57.33
CA GLY A 652 148.26 77.73 -56.14
C GLY A 652 149.03 76.51 -55.69
N VAL A 653 150.30 76.42 -56.09
CA VAL A 653 151.13 75.27 -55.78
C VAL A 653 152.50 75.76 -55.34
N ASN A 654 153.04 75.13 -54.29
CA ASN A 654 154.35 75.54 -53.78
C ASN A 654 155.47 75.30 -54.78
N THR A 655 155.46 74.15 -55.45
CA THR A 655 156.50 73.80 -56.41
C THR A 655 155.92 72.86 -57.45
N ILE A 656 156.33 73.04 -58.71
CA ILE A 656 155.83 72.23 -59.82
C ILE A 656 156.94 71.27 -60.23
N TYR A 657 156.62 69.98 -60.29
CA TYR A 657 157.53 68.95 -60.74
C TYR A 657 156.94 68.22 -61.95
N ASP A 658 157.80 67.49 -62.65
CA ASP A 658 157.34 66.65 -63.74
C ASP A 658 156.61 65.43 -63.18
N ARG A 659 155.81 64.78 -64.04
CA ARG A 659 155.00 63.66 -63.59
C ARG A 659 155.86 62.50 -63.08
N ALA A 660 156.94 62.19 -63.80
CA ALA A 660 157.80 61.08 -63.40
C ALA A 660 158.44 61.33 -62.04
N ALA A 661 158.95 62.55 -61.83
CA ALA A 661 159.56 62.87 -60.54
C ALA A 661 158.52 62.94 -59.44
N ALA A 662 157.35 63.49 -59.74
CA ALA A 662 156.30 63.59 -58.73
C ALA A 662 155.80 62.21 -58.29
N LEU A 663 155.66 61.28 -59.22
CA LEU A 663 155.18 59.94 -58.89
C LEU A 663 156.28 59.03 -58.36
N SER A 664 157.55 59.45 -58.44
CA SER A 664 158.66 58.64 -57.94
C SER A 664 158.78 58.68 -56.42
N GLY A 665 158.19 59.68 -55.75
CA GLY A 665 158.28 59.80 -54.32
C GLY A 665 159.37 60.71 -53.81
N ASN A 666 160.38 61.01 -54.63
CA ASN A 666 161.46 61.93 -54.26
C ASN A 666 161.67 62.93 -55.39
N PRO A 667 160.75 63.87 -55.56
CA PRO A 667 160.89 64.85 -56.65
C PRO A 667 162.14 65.70 -56.55
N GLU A 668 162.65 65.93 -55.32
CA GLU A 668 163.80 66.81 -55.15
C GLU A 668 165.09 66.22 -55.71
N ALA A 669 165.13 64.91 -55.96
CA ALA A 669 166.33 64.26 -56.45
C ALA A 669 166.14 63.61 -57.82
N GLN A 670 164.96 63.70 -58.41
CA GLN A 670 164.69 63.08 -59.70
C GLN A 670 164.06 64.02 -60.71
N TYR A 671 164.02 65.32 -60.44
CA TYR A 671 163.37 66.26 -61.33
C TYR A 671 164.29 66.70 -62.46
N LYS A 672 163.73 66.79 -63.67
CA LYS A 672 164.46 67.38 -64.78
C LYS A 672 164.31 68.89 -64.79
N MET A 673 163.14 69.39 -64.37
CA MET A 673 162.87 70.82 -64.25
C MET A 673 162.10 71.05 -62.96
N LYS A 674 162.15 72.28 -62.45
CA LYS A 674 161.52 72.64 -61.19
C LYS A 674 161.11 74.09 -61.23
N ILE A 675 159.85 74.36 -60.88
CA ILE A 675 159.31 75.72 -60.81
C ILE A 675 158.83 75.93 -59.39
N ASP A 676 159.69 76.49 -58.54
CA ASP A 676 159.35 76.76 -57.14
C ASP A 676 158.74 78.15 -57.06
N LEU A 677 157.41 78.20 -56.94
CA LEU A 677 156.70 79.48 -56.88
C LEU A 677 156.91 80.20 -55.55
N VAL A 678 157.12 79.47 -54.46
CA VAL A 678 157.32 80.09 -53.16
C VAL A 678 158.62 80.89 -53.12
N ASN A 679 159.71 80.29 -53.60
CA ASN A 679 161.01 80.95 -53.61
C ASN A 679 161.26 81.75 -54.88
N GLY A 680 160.53 81.47 -55.96
CA GLY A 680 160.67 82.22 -57.19
C GLY A 680 161.96 81.96 -57.93
N TYR A 681 162.19 80.70 -58.32
CA TYR A 681 163.35 80.35 -59.11
C TYR A 681 163.04 79.08 -59.91
N ILE A 682 163.70 78.95 -61.06
CA ILE A 682 163.53 77.81 -61.95
C ILE A 682 164.88 77.13 -62.12
N HIS A 683 164.92 75.83 -61.84
CA HIS A 683 166.14 75.04 -61.96
C HIS A 683 165.90 73.95 -63.01
N ILE A 684 166.79 73.88 -63.99
CA ILE A 684 166.71 72.88 -65.06
C ILE A 684 168.00 72.05 -65.05
N ARG A 685 167.84 70.74 -65.00
CA ARG A 685 168.98 69.83 -65.01
C ARG A 685 169.32 69.37 -66.42
#